data_3K83
#
_entry.id   3K83
#
_cell.length_a   103.404
_cell.length_b   103.404
_cell.length_c   254.439
_cell.angle_alpha   90.00
_cell.angle_beta   90.00
_cell.angle_gamma   120.00
#
_symmetry.space_group_name_H-M   'P 32 2 1'
#
loop_
_entity.id
_entity.type
_entity.pdbx_description
1 polymer 'Fatty-acid amide hydrolase 1'
2 non-polymer '6-[2-(3-biphenyl-4-ylpropanoyl)-1,3-oxazol-5-yl]pyridine-2-carboxylic acid'
3 non-polymer 'CHLORIDE ION'
4 non-polymer 1-DODECANOL
5 water water
#
_entity_poly.entity_id   1
_entity_poly.type   'polypeptide(L)'
_entity_poly.pdbx_seq_one_letter_code
;MGSSHHHHHHSSGLVPRGSHMASRWTGRQKARGAATRARQKQRASLETMDKAVQRFRLQNPDLDSEALLTLPLLQLVQKL
QSGELSPEAVFFTYLGKAWEVNKGTNCVTSYLTDCETQLSQAPRQGLLYGVPVSLKECFSYKGHDSTLGLSLNEGMPSES
DCVVVQVLKLQGAVPFVHTNVPQSMFSYDCSNPLFGQTMNPWKSSKSPGGSSGGEGALIGSGGSPLGLGTDIGGSIRFPS
AFCGICGLKPTGNRLSKSGLKGCVYGQTAVQLSLGPMARDVESLALCLKALLCEHLFTLDPTVPPLPFREEVYRSSRPLR
VGYYETDNYTMPSPAMRRALIETKQRLEAAGHTLIPFLPNNIPYALEVLSTGGLFSDGGRSFLQNFKGDFVDPCLGDLIL
ILRLPSWFKRLLSLLLKPLFPRLAAFLNNMRPRSAEKLWKLQHEIEMYRQSVIAQWKAMNLDVLLTPMLGPALDLNTPGR
ATGAVSYTMLYNCLDFPAGVVPVTTVTAEDDAQMELYKGYFGDIWDIILKKAMKNSVGLPVAVQCVALPWQEELCLRFMR
EVEQLMTPQKQPS
;
_entity_poly.pdbx_strand_id   A,B
#
# COMPACT_ATOMS: atom_id res chain seq x y z
N GLY A 27 -23.21 -36.26 -2.93
CA GLY A 27 -22.55 -35.18 -3.67
C GLY A 27 -21.24 -34.75 -3.06
N ARG A 28 -20.55 -35.67 -2.39
CA ARG A 28 -19.30 -35.32 -1.71
C ARG A 28 -18.18 -36.32 -2.06
N GLN A 29 -18.31 -37.00 -3.19
CA GLN A 29 -17.35 -38.06 -3.49
C GLN A 29 -15.96 -37.49 -3.69
N LYS A 30 -15.88 -36.41 -4.45
CA LYS A 30 -14.60 -35.73 -4.64
C LYS A 30 -13.99 -35.30 -3.30
N ALA A 31 -14.80 -34.71 -2.43
CA ALA A 31 -14.30 -34.21 -1.17
C ALA A 31 -13.86 -35.37 -0.24
N ARG A 32 -14.58 -36.49 -0.29
CA ARG A 32 -14.18 -37.69 0.47
C ARG A 32 -12.86 -38.29 -0.03
N GLY A 33 -12.64 -38.25 -1.34
CA GLY A 33 -11.41 -38.75 -1.91
C GLY A 33 -10.22 -37.88 -1.55
N ALA A 34 -10.44 -36.57 -1.56
CA ALA A 34 -9.39 -35.64 -1.18
C ALA A 34 -9.00 -35.85 0.28
N ALA A 35 -9.99 -36.03 1.15
CA ALA A 35 -9.74 -36.29 2.58
C ALA A 35 -8.96 -37.59 2.78
N THR A 36 -9.34 -38.62 2.04
CA THR A 36 -8.66 -39.92 2.09
C THR A 36 -7.19 -39.82 1.68
N ARG A 37 -6.91 -39.11 0.62
CA ARG A 37 -5.54 -38.95 0.16
C ARG A 37 -4.74 -38.02 1.06
N ALA A 38 -5.39 -37.00 1.62
CA ALA A 38 -4.68 -36.08 2.50
C ALA A 38 -4.27 -36.78 3.81
N ARG A 39 -5.15 -37.61 4.35
CA ARG A 39 -4.85 -38.31 5.61
C ARG A 39 -3.73 -39.32 5.41
N GLN A 40 -3.70 -39.91 4.22
CA GLN A 40 -2.65 -40.87 3.89
C GLN A 40 -1.30 -40.17 3.73
N LYS A 41 -1.30 -38.97 3.14
CA LYS A 41 -0.08 -38.18 3.01
C LYS A 41 0.42 -37.69 4.36
N GLN A 42 -0.49 -37.18 5.19
CA GLN A 42 -0.13 -36.78 6.56
C GLN A 42 0.52 -37.95 7.34
N ARG A 43 -0.17 -39.09 7.38
CA ARG A 43 0.33 -40.32 8.01
C ARG A 43 1.72 -40.72 7.50
N ALA A 44 1.93 -40.62 6.18
CA ALA A 44 3.22 -41.03 5.62
C ALA A 44 4.35 -40.04 5.92
N SER A 45 4.04 -38.74 5.89
CA SER A 45 4.94 -37.72 6.38
C SER A 45 5.41 -38.04 7.79
N LEU A 46 4.47 -38.29 8.70
CA LEU A 46 4.77 -38.56 10.10
C LEU A 46 5.66 -39.79 10.22
N GLU A 47 5.35 -40.81 9.43
CA GLU A 47 6.14 -42.01 9.42
C GLU A 47 7.56 -41.70 8.94
N THR A 48 7.67 -40.92 7.87
CA THR A 48 8.99 -40.52 7.37
C THR A 48 9.80 -39.76 8.43
N MET A 49 9.15 -38.85 9.16
CA MET A 49 9.82 -38.07 10.20
C MET A 49 10.39 -39.00 11.27
N ASP A 50 9.55 -39.92 11.72
CA ASP A 50 9.94 -40.88 12.76
C ASP A 50 11.16 -41.71 12.37
N LYS A 51 11.13 -42.28 11.17
CA LYS A 51 12.28 -43.01 10.63
C LYS A 51 13.57 -42.17 10.62
N ALA A 52 13.46 -40.93 10.17
CA ALA A 52 14.64 -40.09 10.10
C ALA A 52 15.16 -39.85 11.52
N VAL A 53 14.23 -39.56 12.43
CA VAL A 53 14.57 -39.31 13.81
C VAL A 53 15.20 -40.54 14.48
N GLN A 54 14.61 -41.73 14.31
CA GLN A 54 15.12 -42.94 14.96
C GLN A 54 16.52 -43.27 14.47
N ARG A 55 16.74 -43.09 13.18
CA ARG A 55 18.03 -43.31 12.59
C ARG A 55 19.04 -42.32 13.20
N PHE A 56 18.67 -41.04 13.29
CA PHE A 56 19.60 -40.09 13.86
C PHE A 56 19.94 -40.39 15.31
N ARG A 57 18.96 -40.82 16.09
CA ARG A 57 19.21 -41.10 17.50
C ARG A 57 20.11 -42.31 17.68
N LEU A 58 20.01 -43.27 16.77
CA LEU A 58 20.90 -44.40 16.76
C LEU A 58 22.35 -43.98 16.64
N GLN A 59 22.63 -43.08 15.71
CA GLN A 59 23.99 -42.63 15.48
C GLN A 59 24.50 -41.70 16.57
N ASN A 60 23.58 -41.14 17.34
CA ASN A 60 23.92 -40.08 18.28
C ASN A 60 23.26 -40.24 19.63
N PRO A 61 23.56 -41.36 20.33
CA PRO A 61 22.93 -41.66 21.63
C PRO A 61 23.37 -40.73 22.74
N ASP A 62 24.48 -40.01 22.55
CA ASP A 62 25.00 -39.16 23.61
C ASP A 62 24.52 -37.68 23.58
N LEU A 63 23.84 -37.28 22.51
CA LEU A 63 23.32 -35.91 22.43
C LEU A 63 22.37 -35.59 23.58
N ASP A 64 22.57 -34.45 24.24
CA ASP A 64 21.63 -33.98 25.25
C ASP A 64 20.54 -33.15 24.57
N SER A 65 19.43 -33.83 24.24
CA SER A 65 18.37 -33.24 23.46
C SER A 65 17.51 -32.27 24.26
N GLU A 66 17.44 -32.47 25.57
CA GLU A 66 16.70 -31.57 26.45
C GLU A 66 17.38 -30.20 26.56
N ALA A 67 18.69 -30.22 26.71
CA ALA A 67 19.44 -28.97 26.76
C ALA A 67 19.27 -28.22 25.44
N LEU A 68 19.33 -28.96 24.35
CA LEU A 68 19.23 -28.34 23.03
C LEU A 68 17.82 -27.74 22.81
N LEU A 69 16.77 -28.46 23.22
CA LEU A 69 15.38 -28.04 23.00
C LEU A 69 14.95 -26.86 23.87
N THR A 70 15.60 -26.68 25.02
CA THR A 70 15.21 -25.60 25.91
C THR A 70 16.04 -24.32 25.72
N LEU A 71 17.02 -24.37 24.82
CA LEU A 71 17.79 -23.18 24.46
C LEU A 71 16.88 -22.16 23.78
N PRO A 72 16.88 -20.90 24.27
CA PRO A 72 16.17 -19.85 23.52
C PRO A 72 16.75 -19.72 22.12
N LEU A 73 15.92 -19.34 21.16
CA LEU A 73 16.33 -19.27 19.76
C LEU A 73 17.64 -18.49 19.56
N LEU A 74 17.77 -17.34 20.21
CA LEU A 74 18.98 -16.53 20.03
C LEU A 74 20.22 -17.32 20.43
N GLN A 75 20.12 -18.10 21.51
CA GLN A 75 21.25 -18.93 21.93
C GLN A 75 21.51 -20.04 20.93
N LEU A 76 20.43 -20.73 20.54
CA LEU A 76 20.46 -21.74 19.50
C LEU A 76 21.21 -21.25 18.27
N VAL A 77 20.87 -20.03 17.84
CA VAL A 77 21.42 -19.44 16.63
C VAL A 77 22.92 -19.22 16.81
N GLN A 78 23.29 -18.72 17.98
CA GLN A 78 24.68 -18.40 18.30
C GLN A 78 25.54 -19.68 18.27
N LYS A 79 25.01 -20.77 18.81
CA LYS A 79 25.75 -22.02 18.82
C LYS A 79 25.77 -22.68 17.43
N LEU A 80 24.79 -22.36 16.61
CA LEU A 80 24.81 -22.89 15.25
C LEU A 80 25.89 -22.14 14.47
N GLN A 81 25.96 -20.83 14.69
CA GLN A 81 26.91 -19.98 14.00
C GLN A 81 28.37 -20.31 14.41
N SER A 82 28.60 -20.55 15.70
CA SER A 82 29.94 -20.82 16.20
C SER A 82 30.40 -22.25 15.90
N GLY A 83 29.47 -23.13 15.57
CA GLY A 83 29.83 -24.50 15.29
C GLY A 83 29.78 -25.38 16.52
N GLU A 84 29.33 -24.82 17.64
CA GLU A 84 29.18 -25.61 18.86
C GLU A 84 28.06 -26.64 18.75
N LEU A 85 26.99 -26.29 18.03
CA LEU A 85 25.95 -27.27 17.67
C LEU A 85 25.95 -27.50 16.17
N SER A 86 25.76 -28.73 15.75
CA SER A 86 25.69 -29.00 14.33
C SER A 86 24.27 -28.76 13.84
N PRO A 87 24.12 -28.37 12.57
CA PRO A 87 22.75 -28.20 12.10
C PRO A 87 21.96 -29.52 12.15
N GLU A 88 22.63 -30.66 11.92
CA GLU A 88 21.94 -31.96 11.91
C GLU A 88 21.38 -32.24 13.30
N ALA A 89 22.19 -31.99 14.32
CA ALA A 89 21.76 -32.19 15.70
C ALA A 89 20.51 -31.40 16.00
N VAL A 90 20.54 -30.13 15.67
CA VAL A 90 19.41 -29.28 15.98
C VAL A 90 18.19 -29.70 15.18
N PHE A 91 18.42 -30.05 13.91
CA PHE A 91 17.32 -30.40 13.03
C PHE A 91 16.60 -31.69 13.45
N PHE A 92 17.35 -32.75 13.69
CA PHE A 92 16.70 -34.00 14.05
C PHE A 92 16.15 -33.97 15.47
N THR A 93 16.76 -33.19 16.35
CA THR A 93 16.21 -33.04 17.70
C THR A 93 14.86 -32.32 17.64
N TYR A 94 14.79 -31.20 16.90
CA TYR A 94 13.48 -30.56 16.73
C TYR A 94 12.49 -31.46 15.98
N LEU A 95 12.96 -32.22 14.99
CA LEU A 95 12.05 -33.09 14.25
C LEU A 95 11.35 -34.11 15.16
N GLY A 96 12.10 -34.74 16.05
CA GLY A 96 11.54 -35.72 16.95
C GLY A 96 10.61 -35.09 17.97
N LYS A 97 10.97 -33.92 18.45
CA LYS A 97 10.12 -33.22 19.36
C LYS A 97 8.82 -32.88 18.64
N ALA A 98 8.91 -32.36 17.43
CA ALA A 98 7.72 -32.02 16.67
C ALA A 98 6.83 -33.25 16.46
N TRP A 99 7.46 -34.36 16.11
CA TRP A 99 6.76 -35.61 15.92
C TRP A 99 6.00 -36.04 17.20
N GLU A 100 6.67 -35.92 18.34
CA GLU A 100 6.12 -36.28 19.66
C GLU A 100 4.96 -35.39 20.07
N VAL A 101 5.13 -34.07 20.03
CA VAL A 101 4.07 -33.15 20.42
C VAL A 101 2.88 -33.27 19.47
N ASN A 102 3.14 -33.64 18.22
CA ASN A 102 2.03 -33.87 17.29
C ASN A 102 1.04 -34.95 17.75
N LYS A 103 1.57 -35.94 18.46
CA LYS A 103 0.77 -37.07 18.96
C LYS A 103 -0.46 -36.58 19.67
N GLY A 104 -0.30 -35.55 20.49
CA GLY A 104 -1.39 -35.08 21.31
C GLY A 104 -2.03 -33.82 20.80
N THR A 105 -1.54 -33.25 19.70
CA THR A 105 -2.07 -31.96 19.22
C THR A 105 -2.62 -32.01 17.79
N ASN A 106 -2.05 -32.90 16.96
CA ASN A 106 -2.44 -33.00 15.58
C ASN A 106 -2.25 -31.63 14.88
N CYS A 107 -1.06 -31.05 15.01
CA CYS A 107 -0.74 -29.75 14.41
C CYS A 107 0.04 -29.83 13.08
N VAL A 108 0.64 -30.98 12.79
CA VAL A 108 1.47 -31.13 11.60
C VAL A 108 0.70 -31.78 10.46
N THR A 109 0.67 -31.17 9.27
CA THR A 109 -0.04 -31.78 8.15
C THR A 109 0.91 -32.44 7.16
N SER A 110 2.10 -31.90 7.05
CA SER A 110 3.04 -32.40 6.05
C SER A 110 4.48 -32.17 6.49
N TYR A 111 5.33 -33.16 6.26
CA TYR A 111 6.75 -33.04 6.48
C TYR A 111 7.32 -32.52 5.18
N LEU A 112 8.00 -31.39 5.20
CA LEU A 112 8.48 -30.82 3.95
C LEU A 112 9.68 -31.66 3.48
N THR A 113 9.49 -32.46 2.45
CA THR A 113 10.34 -33.63 2.17
C THR A 113 11.86 -33.40 2.05
N ASP A 114 12.22 -32.46 1.19
CA ASP A 114 13.61 -32.24 0.81
C ASP A 114 14.39 -31.40 1.82
N CYS A 115 13.82 -31.17 3.01
CA CYS A 115 14.44 -30.25 3.96
C CYS A 115 15.76 -30.76 4.52
N GLU A 116 16.00 -32.05 4.39
CA GLU A 116 17.26 -32.64 4.86
C GLU A 116 18.39 -32.25 3.92
N THR A 117 18.06 -32.13 2.63
CA THR A 117 19.04 -31.67 1.66
C THR A 117 19.24 -30.13 1.78
N GLN A 118 18.15 -29.41 2.04
CA GLN A 118 18.25 -27.96 2.31
C GLN A 118 19.17 -27.73 3.49
N LEU A 119 19.05 -28.61 4.48
CA LEU A 119 19.88 -28.59 5.66
C LEU A 119 21.36 -28.57 5.30
N SER A 120 21.76 -29.46 4.39
CA SER A 120 23.18 -29.63 4.09
C SER A 120 23.71 -28.50 3.21
N GLN A 121 22.79 -27.71 2.64
CA GLN A 121 23.18 -26.64 1.74
C GLN A 121 22.88 -25.25 2.29
N ALA A 122 22.55 -25.19 3.58
CA ALA A 122 22.14 -23.93 4.21
C ALA A 122 23.27 -22.88 4.18
N PRO A 123 22.97 -21.67 3.69
CA PRO A 123 24.00 -20.62 3.63
C PRO A 123 24.59 -20.29 5.00
N ARG A 124 25.89 -20.53 5.11
CA ARG A 124 26.61 -20.60 6.40
C ARG A 124 26.64 -19.28 7.15
N GLN A 125 26.44 -18.18 6.42
CA GLN A 125 26.41 -16.86 7.03
C GLN A 125 24.99 -16.30 7.14
N GLY A 126 23.99 -17.15 6.92
CA GLY A 126 22.61 -16.74 7.10
C GLY A 126 22.37 -16.34 8.54
N LEU A 127 21.55 -15.32 8.75
CA LEU A 127 21.17 -14.92 10.11
C LEU A 127 20.32 -16.00 10.82
N LEU A 128 19.78 -16.97 10.08
CA LEU A 128 19.02 -18.07 10.70
C LEU A 128 19.64 -19.43 10.32
N TYR A 129 20.96 -19.43 10.10
CA TYR A 129 21.67 -20.68 9.75
C TYR A 129 21.37 -21.86 10.69
N GLY A 130 20.86 -22.94 10.10
CA GLY A 130 20.55 -24.16 10.83
C GLY A 130 19.29 -24.12 11.68
N VAL A 131 18.49 -23.06 11.58
CA VAL A 131 17.27 -23.00 12.37
C VAL A 131 16.09 -23.72 11.71
N PRO A 132 15.56 -24.77 12.35
CA PRO A 132 14.30 -25.34 11.86
C PRO A 132 13.18 -24.32 12.03
N VAL A 133 12.42 -24.09 10.95
CA VAL A 133 11.26 -23.19 11.01
C VAL A 133 9.98 -23.92 10.57
N SER A 134 8.89 -23.71 11.27
CA SER A 134 7.65 -24.35 10.90
C SER A 134 6.78 -23.33 10.15
N LEU A 135 6.05 -23.80 9.14
CA LEU A 135 5.24 -22.94 8.31
C LEU A 135 3.76 -23.27 8.38
N LYS A 136 2.93 -22.25 8.56
CA LYS A 136 1.51 -22.40 8.35
C LYS A 136 1.27 -22.92 6.91
N GLU A 137 0.24 -23.77 6.75
CA GLU A 137 0.09 -24.54 5.52
C GLU A 137 0.00 -23.66 4.29
N CYS A 138 -0.39 -22.39 4.46
CA CYS A 138 -0.56 -21.52 3.30
C CYS A 138 0.75 -20.99 2.70
N PHE A 139 1.89 -21.13 3.40
CA PHE A 139 3.17 -20.76 2.81
C PHE A 139 3.63 -21.79 1.78
N SER A 140 3.26 -21.57 0.54
CA SER A 140 3.58 -22.48 -0.56
C SER A 140 5.02 -22.96 -0.56
N TYR A 141 5.15 -24.27 -0.65
CA TYR A 141 6.45 -24.89 -0.62
C TYR A 141 6.44 -25.83 -1.81
N LYS A 142 7.46 -25.72 -2.65
CA LYS A 142 7.52 -26.47 -3.91
C LYS A 142 7.24 -27.99 -3.73
N GLY A 143 6.33 -28.52 -4.54
CA GLY A 143 6.04 -29.95 -4.53
C GLY A 143 4.96 -30.30 -3.51
N HIS A 144 4.50 -29.32 -2.75
CA HIS A 144 3.53 -29.60 -1.67
C HIS A 144 2.20 -28.88 -1.88
N ASP A 145 1.10 -29.53 -1.48
CA ASP A 145 -0.22 -28.90 -1.50
C ASP A 145 -0.25 -27.78 -0.44
N SER A 146 -0.98 -26.70 -0.69
CA SER A 146 -1.47 -25.85 0.40
C SER A 146 -2.98 -25.94 0.33
N THR A 147 -3.54 -26.89 1.06
CA THR A 147 -4.95 -27.21 0.90
C THR A 147 -5.87 -26.17 1.54
N LEU A 148 -5.38 -25.52 2.59
CA LEU A 148 -6.20 -24.71 3.49
C LEU A 148 -7.38 -25.55 4.03
N GLY A 149 -7.19 -26.87 4.08
CA GLY A 149 -8.26 -27.77 4.49
C GLY A 149 -9.39 -27.90 3.48
N LEU A 150 -9.17 -27.40 2.26
CA LEU A 150 -10.21 -27.37 1.24
C LEU A 150 -9.99 -28.41 0.14
N SER A 151 -11.02 -29.21 -0.10
CA SER A 151 -11.03 -30.23 -1.13
C SER A 151 -10.50 -29.72 -2.47
N LEU A 152 -10.92 -28.53 -2.88
CA LEU A 152 -10.56 -28.08 -4.22
C LEU A 152 -9.06 -27.79 -4.36
N ASN A 153 -8.34 -27.79 -3.23
CA ASN A 153 -6.91 -27.52 -3.25
C ASN A 153 -6.07 -28.76 -3.04
N GLU A 154 -6.72 -29.91 -2.96
CA GLU A 154 -5.99 -31.15 -2.78
C GLU A 154 -5.44 -31.62 -4.12
N GLY A 155 -4.25 -32.24 -4.10
CA GLY A 155 -3.60 -32.68 -5.32
C GLY A 155 -3.24 -31.55 -6.27
N MET A 156 -2.97 -30.35 -5.73
CA MET A 156 -2.47 -29.22 -6.52
C MET A 156 -1.17 -28.71 -5.88
N PRO A 157 -0.08 -29.45 -6.05
CA PRO A 157 1.19 -29.09 -5.39
C PRO A 157 1.75 -27.80 -5.96
N SER A 158 2.32 -26.94 -5.11
CA SER A 158 2.87 -25.67 -5.58
C SER A 158 4.03 -25.88 -6.55
N GLU A 159 4.06 -25.03 -7.58
CA GLU A 159 5.15 -25.01 -8.56
C GLU A 159 6.45 -24.55 -7.92
N SER A 160 6.38 -23.71 -6.89
CA SER A 160 7.60 -23.17 -6.29
C SER A 160 7.39 -22.60 -4.89
N ASP A 161 8.48 -22.39 -4.17
CA ASP A 161 8.43 -21.76 -2.87
C ASP A 161 7.87 -20.35 -2.99
N CYS A 162 7.08 -19.95 -1.99
CA CYS A 162 6.73 -18.54 -1.92
C CYS A 162 7.96 -17.72 -1.53
N VAL A 163 7.87 -16.42 -1.74
CA VAL A 163 8.98 -15.51 -1.48
C VAL A 163 9.55 -15.61 -0.09
N VAL A 164 8.70 -15.57 0.95
CA VAL A 164 9.21 -15.61 2.31
C VAL A 164 9.94 -16.93 2.59
N VAL A 165 9.44 -18.03 2.05
CA VAL A 165 10.15 -19.29 2.17
C VAL A 165 11.52 -19.22 1.49
N GLN A 166 11.57 -18.69 0.28
CA GLN A 166 12.86 -18.47 -0.39
C GLN A 166 13.80 -17.66 0.48
N VAL A 167 13.29 -16.57 1.04
CA VAL A 167 14.14 -15.73 1.88
C VAL A 167 14.62 -16.51 3.12
N LEU A 168 13.73 -17.29 3.74
CA LEU A 168 14.15 -18.05 4.92
C LEU A 168 15.34 -18.93 4.54
N LYS A 169 15.26 -19.56 3.38
CA LYS A 169 16.30 -20.48 2.95
C LYS A 169 17.59 -19.73 2.63
N LEU A 170 17.46 -18.59 1.96
CA LEU A 170 18.62 -17.74 1.68
C LEU A 170 19.28 -17.21 2.94
N GLN A 171 18.55 -17.21 4.06
CA GLN A 171 19.09 -16.85 5.38
C GLN A 171 19.48 -18.08 6.20
N GLY A 172 19.52 -19.23 5.54
CA GLY A 172 20.03 -20.45 6.16
C GLY A 172 19.04 -21.23 7.03
N ALA A 173 17.79 -20.79 7.08
CA ALA A 173 16.77 -21.53 7.85
C ALA A 173 16.35 -22.83 7.15
N VAL A 174 15.75 -23.74 7.91
CA VAL A 174 15.28 -24.99 7.34
C VAL A 174 13.80 -25.20 7.66
N PRO A 175 12.93 -24.72 6.77
CA PRO A 175 11.50 -24.97 6.90
C PRO A 175 11.28 -26.48 6.85
N PHE A 176 10.52 -27.06 7.78
CA PHE A 176 10.50 -28.52 7.89
C PHE A 176 9.13 -29.16 7.99
N VAL A 177 8.13 -28.38 8.38
CA VAL A 177 6.73 -28.84 8.43
C VAL A 177 5.72 -27.75 8.02
N HIS A 178 4.65 -28.20 7.40
CA HIS A 178 3.41 -27.45 7.25
C HIS A 178 2.49 -27.75 8.43
N THR A 179 1.92 -26.70 9.02
CA THR A 179 1.04 -26.85 10.18
C THR A 179 -0.43 -26.55 9.89
N ASN A 180 -1.32 -27.18 10.65
CA ASN A 180 -2.75 -27.18 10.35
C ASN A 180 -3.41 -25.79 10.50
N VAL A 181 -4.50 -25.61 9.75
CA VAL A 181 -5.31 -24.38 9.79
C VAL A 181 -6.74 -24.82 9.74
N PRO A 182 -7.65 -24.01 10.25
CA PRO A 182 -9.07 -24.33 10.08
C PRO A 182 -9.46 -24.19 8.59
N GLN A 183 -10.40 -25.00 8.14
CA GLN A 183 -10.85 -24.95 6.75
C GLN A 183 -11.02 -23.51 6.20
N SER A 184 -10.25 -23.16 5.17
CA SER A 184 -10.35 -21.85 4.51
C SER A 184 -9.50 -20.77 5.18
N MET A 185 -9.19 -20.97 6.45
CA MET A 185 -8.42 -20.00 7.26
C MET A 185 -9.28 -18.86 7.83
N PHE A 186 -10.55 -18.82 7.45
CA PHE A 186 -11.42 -17.72 7.90
C PHE A 186 -12.13 -18.11 9.23
N SER A 187 -11.33 -18.17 10.30
CA SER A 187 -11.75 -18.77 11.56
C SER A 187 -10.65 -18.58 12.58
N TYR A 188 -11.01 -18.45 13.85
CA TYR A 188 -9.97 -18.47 14.88
C TYR A 188 -9.99 -19.77 15.73
N ASP A 189 -10.60 -20.81 15.16
CA ASP A 189 -10.39 -22.16 15.65
C ASP A 189 -9.41 -22.84 14.69
N CYS A 190 -9.40 -24.18 14.70
CA CYS A 190 -8.41 -24.85 13.90
C CYS A 190 -8.71 -26.31 13.52
N SER A 191 -9.81 -26.50 12.80
CA SER A 191 -10.18 -27.82 12.28
C SER A 191 -10.55 -27.74 10.79
N ASN A 192 -10.27 -28.81 10.03
CA ASN A 192 -10.76 -28.95 8.66
C ASN A 192 -11.06 -30.42 8.34
N PRO A 193 -11.88 -30.68 7.32
CA PRO A 193 -12.30 -32.04 6.97
C PRO A 193 -11.19 -32.93 6.39
N LEU A 194 -10.04 -32.36 6.02
CA LEU A 194 -8.92 -33.16 5.48
C LEU A 194 -8.01 -33.70 6.61
N PHE A 195 -7.44 -32.80 7.41
CA PHE A 195 -6.51 -33.22 8.46
C PHE A 195 -7.14 -33.26 9.86
N GLY A 196 -8.40 -32.85 9.97
CA GLY A 196 -9.07 -32.86 11.26
C GLY A 196 -8.71 -31.68 12.16
N GLN A 197 -8.98 -31.83 13.45
CA GLN A 197 -8.93 -30.78 14.47
C GLN A 197 -7.57 -30.71 15.18
N THR A 198 -7.03 -29.51 15.31
CA THR A 198 -5.83 -29.33 16.11
C THR A 198 -6.24 -28.94 17.53
N MET A 199 -5.54 -29.47 18.52
CA MET A 199 -5.90 -29.25 19.93
C MET A 199 -4.86 -28.39 20.64
N ASN A 200 -5.30 -27.66 21.66
CA ASN A 200 -4.41 -26.83 22.45
C ASN A 200 -3.46 -27.74 23.25
N PRO A 201 -2.15 -27.42 23.32
CA PRO A 201 -1.24 -28.34 24.02
C PRO A 201 -1.43 -28.26 25.54
N TRP A 202 -2.05 -27.17 26.02
CA TRP A 202 -2.28 -26.98 27.45
C TRP A 202 -3.47 -27.78 28.00
N LYS A 203 -4.43 -28.08 27.13
CA LYS A 203 -5.66 -28.77 27.51
C LYS A 203 -6.41 -29.18 26.26
N SER A 204 -6.56 -30.48 26.08
CA SER A 204 -6.89 -31.00 24.76
C SER A 204 -8.33 -30.73 24.36
N SER A 205 -9.15 -30.31 25.32
CA SER A 205 -10.53 -29.92 25.04
C SER A 205 -10.62 -28.45 24.58
N LYS A 206 -9.48 -27.76 24.60
CA LYS A 206 -9.38 -26.36 24.21
C LYS A 206 -8.86 -26.19 22.79
N SER A 207 -9.39 -25.18 22.11
CA SER A 207 -8.88 -24.73 20.83
C SER A 207 -7.44 -24.17 20.98
N PRO A 208 -6.56 -24.43 20.00
CA PRO A 208 -5.24 -23.78 20.02
C PRO A 208 -5.34 -22.36 19.47
N GLY A 209 -6.54 -21.98 19.06
CA GLY A 209 -6.75 -20.73 18.35
C GLY A 209 -6.47 -20.95 16.86
N GLY A 210 -6.51 -19.88 16.08
CA GLY A 210 -6.33 -19.96 14.65
C GLY A 210 -6.50 -18.57 14.04
N SER A 211 -6.35 -18.45 12.73
CA SER A 211 -6.14 -19.61 11.87
C SER A 211 -4.74 -20.24 11.90
N SER A 212 -3.75 -19.56 12.50
CA SER A 212 -2.39 -20.16 12.61
C SER A 212 -2.32 -21.12 13.80
N GLY A 213 -3.34 -21.97 13.94
CA GLY A 213 -3.44 -22.79 15.14
C GLY A 213 -2.39 -23.90 15.22
N GLY A 214 -2.03 -24.48 14.08
CA GLY A 214 -1.00 -25.50 14.05
C GLY A 214 0.29 -24.94 14.58
N GLU A 215 0.66 -23.74 14.13
CA GLU A 215 1.85 -23.06 14.64
C GLU A 215 1.76 -22.85 16.16
N GLY A 216 0.60 -22.37 16.60
CA GLY A 216 0.38 -22.07 18.01
C GLY A 216 0.66 -23.31 18.83
N ALA A 217 0.07 -24.43 18.41
CA ALA A 217 0.17 -25.66 19.17
C ALA A 217 1.59 -26.20 19.10
N LEU A 218 2.19 -26.18 17.91
CA LEU A 218 3.53 -26.71 17.73
C LEU A 218 4.58 -25.92 18.50
N ILE A 219 4.64 -24.62 18.30
CA ILE A 219 5.63 -23.79 18.99
C ILE A 219 5.35 -23.79 20.51
N GLY A 220 4.08 -23.80 20.88
CA GLY A 220 3.66 -23.69 22.27
C GLY A 220 3.99 -24.93 23.10
N SER A 221 4.29 -26.02 22.41
CA SER A 221 4.65 -27.24 23.11
C SER A 221 6.12 -27.61 22.86
N GLY A 222 6.85 -26.73 22.16
CA GLY A 222 8.28 -26.83 22.06
C GLY A 222 8.82 -27.54 20.84
N GLY A 223 7.93 -27.79 19.87
CA GLY A 223 8.26 -28.59 18.68
C GLY A 223 8.86 -27.78 17.54
N SER A 224 8.96 -26.47 17.74
CA SER A 224 9.54 -25.58 16.75
C SER A 224 9.96 -24.28 17.44
N PRO A 225 11.15 -23.76 17.09
CA PRO A 225 11.60 -22.53 17.73
C PRO A 225 11.11 -21.26 17.00
N LEU A 226 10.53 -21.41 15.82
CA LEU A 226 10.13 -20.24 15.05
C LEU A 226 9.15 -20.64 13.96
N GLY A 227 8.08 -19.87 13.79
CA GLY A 227 7.17 -20.16 12.70
C GLY A 227 6.64 -18.90 12.06
N LEU A 228 5.96 -19.06 10.94
CA LEU A 228 5.28 -17.92 10.31
C LEU A 228 3.79 -18.19 10.19
N GLY A 229 3.00 -17.18 10.50
CA GLY A 229 1.55 -17.27 10.33
C GLY A 229 1.04 -16.12 9.48
N THR A 230 -0.28 -16.06 9.32
CA THR A 230 -0.90 -14.91 8.66
C THR A 230 -2.08 -14.48 9.52
N ASP A 231 -2.60 -13.29 9.25
CA ASP A 231 -3.53 -12.66 10.17
C ASP A 231 -4.34 -11.64 9.38
N ILE A 232 -5.65 -11.86 9.27
CA ILE A 232 -6.59 -10.88 8.68
C ILE A 232 -7.59 -10.31 9.71
N GLY A 233 -7.75 -11.00 10.84
CA GLY A 233 -8.67 -10.60 11.89
C GLY A 233 -8.16 -11.03 13.26
N GLY A 234 -6.95 -11.57 13.32
CA GLY A 234 -6.33 -11.97 14.59
C GLY A 234 -5.59 -13.30 14.51
N SER A 235 -5.50 -13.86 13.31
CA SER A 235 -5.06 -15.25 13.13
C SER A 235 -3.62 -15.60 13.52
N ILE A 236 -2.80 -14.59 13.82
CA ILE A 236 -1.49 -14.79 14.43
C ILE A 236 -1.61 -14.61 15.92
N ARG A 237 -2.48 -13.67 16.30
CA ARG A 237 -2.59 -13.26 17.68
C ARG A 237 -3.41 -14.23 18.55
N PHE A 238 -4.54 -14.72 18.04
CA PHE A 238 -5.35 -15.71 18.76
C PHE A 238 -4.54 -16.95 19.18
N PRO A 239 -3.84 -17.60 18.23
CA PRO A 239 -3.14 -18.84 18.59
C PRO A 239 -1.97 -18.55 19.49
N SER A 240 -1.31 -17.42 19.28
CA SER A 240 -0.21 -17.05 20.15
C SER A 240 -0.73 -16.89 21.59
N ALA A 241 -1.84 -16.18 21.75
CA ALA A 241 -2.33 -15.98 23.11
C ALA A 241 -2.86 -17.28 23.69
N PHE A 242 -3.64 -18.03 22.91
CA PHE A 242 -4.28 -19.23 23.44
C PHE A 242 -3.23 -20.28 23.87
N CYS A 243 -2.09 -20.31 23.17
CA CYS A 243 -1.08 -21.35 23.40
C CYS A 243 0.09 -20.85 24.20
N GLY A 244 0.07 -19.57 24.59
CA GLY A 244 1.08 -19.06 25.51
C GLY A 244 2.42 -18.73 24.86
N ILE A 245 2.39 -18.21 23.63
CA ILE A 245 3.62 -17.86 22.92
C ILE A 245 3.54 -16.41 22.39
N CYS A 246 4.64 -15.88 21.85
CA CYS A 246 4.64 -14.52 21.32
C CYS A 246 4.37 -14.54 19.82
N GLY A 247 3.64 -13.55 19.34
CA GLY A 247 3.37 -13.42 17.91
C GLY A 247 3.29 -11.95 17.54
N LEU A 248 3.66 -11.61 16.32
CA LEU A 248 3.55 -10.25 15.83
C LEU A 248 2.83 -10.20 14.49
N LYS A 249 1.84 -9.31 14.36
CA LYS A 249 1.25 -9.04 13.07
C LYS A 249 1.67 -7.64 12.62
N PRO A 250 2.60 -7.56 11.66
CA PRO A 250 3.11 -6.27 11.17
C PRO A 250 2.06 -5.59 10.29
N THR A 251 2.35 -4.36 9.91
CA THR A 251 1.62 -3.66 8.86
C THR A 251 1.50 -4.63 7.66
N GLY A 252 0.35 -4.64 7.01
CA GLY A 252 0.12 -5.63 5.96
C GLY A 252 1.23 -5.75 4.92
N ASN A 253 1.79 -4.63 4.49
CA ASN A 253 2.75 -4.70 3.40
C ASN A 253 4.21 -4.57 3.87
N ARG A 254 4.45 -4.78 5.17
CA ARG A 254 5.83 -4.85 5.69
C ARG A 254 6.62 -6.06 5.16
N LEU A 255 5.94 -7.22 5.03
CA LEU A 255 6.56 -8.43 4.47
C LEU A 255 5.81 -8.88 3.21
N SER A 256 6.51 -9.59 2.31
CA SER A 256 5.93 -10.02 1.02
C SER A 256 4.88 -11.14 1.11
N LYS A 257 3.74 -10.96 0.44
CA LYS A 257 2.72 -12.01 0.39
C LYS A 257 2.77 -12.81 -0.93
N SER A 258 3.79 -12.52 -1.72
CA SER A 258 3.96 -13.14 -3.03
C SER A 258 4.13 -14.68 -2.98
N GLY A 259 3.21 -15.39 -3.62
CA GLY A 259 3.30 -16.84 -3.70
C GLY A 259 2.55 -17.56 -2.59
N LEU A 260 1.99 -16.81 -1.66
CA LEU A 260 1.14 -17.39 -0.62
C LEU A 260 -0.13 -17.98 -1.22
N LYS A 261 -0.58 -19.11 -0.68
CA LYS A 261 -1.84 -19.68 -1.09
C LYS A 261 -2.97 -18.95 -0.36
N GLY A 262 -3.98 -18.51 -1.10
CA GLY A 262 -5.10 -17.79 -0.50
C GLY A 262 -6.45 -18.40 -0.88
N CYS A 263 -7.53 -17.82 -0.36
CA CYS A 263 -8.86 -18.29 -0.73
C CYS A 263 -9.80 -17.19 -1.23
N VAL A 264 -9.45 -15.93 -0.98
CA VAL A 264 -10.19 -14.77 -1.47
C VAL A 264 -9.18 -13.83 -2.13
N TYR A 265 -9.42 -13.41 -3.36
CA TYR A 265 -8.38 -12.66 -4.05
CA TYR A 265 -8.42 -12.71 -4.14
C TYR A 265 -8.87 -11.30 -4.51
N GLY A 266 -8.02 -10.30 -4.32
CA GLY A 266 -8.38 -8.95 -4.73
C GLY A 266 -9.22 -8.14 -3.75
N GLN A 267 -9.43 -8.66 -2.54
CA GLN A 267 -10.04 -7.91 -1.46
C GLN A 267 -8.90 -7.13 -0.79
N THR A 268 -8.94 -5.81 -0.85
CA THR A 268 -7.81 -4.96 -0.41
C THR A 268 -8.20 -3.91 0.65
N ALA A 269 -9.49 -3.81 0.95
CA ALA A 269 -9.99 -2.95 2.03
C ALA A 269 -9.35 -3.31 3.39
N VAL A 270 -9.40 -4.60 3.72
CA VAL A 270 -8.73 -5.14 4.91
C VAL A 270 -7.62 -6.11 4.48
N GLN A 271 -6.38 -5.67 4.56
CA GLN A 271 -5.27 -6.45 4.03
C GLN A 271 -4.82 -7.53 5.00
N LEU A 272 -4.39 -8.63 4.41
CA LEU A 272 -3.77 -9.73 5.11
C LEU A 272 -2.38 -9.35 5.54
N SER A 273 -1.97 -9.85 6.70
CA SER A 273 -0.59 -9.62 7.09
C SER A 273 0.07 -10.94 7.48
N LEU A 274 1.36 -11.08 7.18
CA LEU A 274 2.11 -12.25 7.64
C LEU A 274 3.18 -11.84 8.64
N GLY A 275 3.53 -12.73 9.54
CA GLY A 275 4.49 -12.39 10.58
C GLY A 275 4.87 -13.61 11.40
N PRO A 276 5.85 -13.46 12.30
CA PRO A 276 6.46 -14.58 13.03
C PRO A 276 5.72 -14.92 14.32
N MET A 277 5.88 -16.17 14.76
CA MET A 277 5.42 -16.61 16.07
C MET A 277 6.63 -17.33 16.69
N ALA A 278 6.75 -17.25 18.00
CA ALA A 278 7.94 -17.79 18.65
C ALA A 278 7.73 -17.76 20.14
N ARG A 279 8.70 -18.27 20.87
CA ARG A 279 8.61 -18.40 22.33
C ARG A 279 8.93 -17.11 23.08
N ASP A 280 9.61 -16.17 22.42
CA ASP A 280 9.97 -14.91 23.08
C ASP A 280 10.07 -13.76 22.07
N VAL A 281 10.10 -12.53 22.57
CA VAL A 281 9.98 -11.35 21.73
C VAL A 281 11.22 -11.22 20.83
N GLU A 282 12.39 -11.55 21.39
CA GLU A 282 13.66 -11.44 20.66
C GLU A 282 13.66 -12.31 19.39
N SER A 283 13.09 -13.51 19.47
CA SER A 283 12.95 -14.35 18.27
C SER A 283 12.14 -13.67 17.17
N LEU A 284 11.07 -12.98 17.55
CA LEU A 284 10.25 -12.27 16.57
C LEU A 284 11.13 -11.21 15.89
N ALA A 285 11.89 -10.45 16.69
CA ALA A 285 12.82 -9.45 16.18
C ALA A 285 13.88 -10.01 15.21
N LEU A 286 14.54 -11.10 15.59
CA LEU A 286 15.48 -11.80 14.71
C LEU A 286 14.82 -12.22 13.40
N CYS A 287 13.67 -12.89 13.48
CA CYS A 287 12.95 -13.29 12.27
C CYS A 287 12.70 -12.09 11.34
N LEU A 288 12.14 -11.02 11.90
CA LEU A 288 11.88 -9.80 11.12
C LEU A 288 13.16 -9.23 10.55
N LYS A 289 14.23 -9.23 11.34
CA LYS A 289 15.50 -8.71 10.86
C LYS A 289 16.05 -9.58 9.72
N ALA A 290 15.81 -10.89 9.78
CA ALA A 290 16.27 -11.80 8.74
C ALA A 290 15.44 -11.66 7.46
N LEU A 291 14.11 -11.50 7.61
CA LEU A 291 13.27 -11.38 6.43
C LEU A 291 13.47 -10.03 5.73
N LEU A 292 13.78 -8.99 6.48
CA LEU A 292 13.81 -7.66 5.88
C LEU A 292 15.20 -7.38 5.31
N CYS A 293 15.61 -8.18 4.32
CA CYS A 293 16.91 -8.06 3.69
C CYS A 293 16.72 -7.85 2.19
N GLU A 294 17.81 -7.49 1.52
CA GLU A 294 17.83 -7.33 0.07
C GLU A 294 17.15 -8.49 -0.69
N HIS A 295 17.35 -9.71 -0.22
CA HIS A 295 16.74 -10.87 -0.87
C HIS A 295 15.24 -10.68 -0.96
N LEU A 296 14.61 -10.29 0.14
CA LEU A 296 13.15 -10.08 0.11
C LEU A 296 12.77 -8.93 -0.81
N PHE A 297 13.50 -7.82 -0.72
CA PHE A 297 13.16 -6.59 -1.43
C PHE A 297 13.35 -6.74 -2.95
N THR A 298 14.29 -7.59 -3.36
CA THR A 298 14.45 -7.81 -4.78
C THR A 298 13.51 -8.91 -5.30
N LEU A 299 13.27 -9.95 -4.50
CA LEU A 299 12.30 -10.98 -4.93
C LEU A 299 10.86 -10.40 -5.02
N ASP A 300 10.56 -9.40 -4.21
CA ASP A 300 9.23 -8.78 -4.26
C ASP A 300 9.32 -7.26 -4.11
N PRO A 301 9.56 -6.60 -5.24
CA PRO A 301 9.75 -5.15 -5.34
C PRO A 301 8.52 -4.36 -4.87
N THR A 302 7.34 -4.98 -4.78
CA THR A 302 6.15 -4.29 -4.28
C THR A 302 6.18 -4.01 -2.76
N VAL A 303 7.09 -4.64 -2.04
CA VAL A 303 7.25 -4.40 -0.60
C VAL A 303 8.25 -3.28 -0.41
N PRO A 304 7.87 -2.20 0.32
CA PRO A 304 8.80 -1.11 0.58
C PRO A 304 10.08 -1.63 1.27
N PRO A 305 11.25 -1.27 0.72
CA PRO A 305 12.49 -1.83 1.26
C PRO A 305 12.92 -1.13 2.56
N LEU A 306 12.18 -1.41 3.62
CA LEU A 306 12.42 -0.86 4.94
C LEU A 306 13.20 -1.86 5.78
N PRO A 307 14.52 -1.64 5.92
CA PRO A 307 15.37 -2.52 6.74
C PRO A 307 14.93 -2.48 8.20
N PHE A 308 15.19 -3.54 8.96
CA PHE A 308 14.87 -3.56 10.37
C PHE A 308 15.69 -2.49 11.10
N ARG A 309 15.02 -1.48 11.70
CA ARG A 309 15.74 -0.43 12.46
C ARG A 309 16.09 -0.89 13.87
N GLU A 310 17.29 -1.44 14.03
CA GLU A 310 17.74 -2.04 15.30
C GLU A 310 17.77 -1.03 16.44
N GLU A 311 18.30 0.15 16.17
CA GLU A 311 18.33 1.22 17.14
C GLU A 311 16.95 1.55 17.71
N VAL A 312 15.88 1.42 16.92
CA VAL A 312 14.52 1.62 17.46
C VAL A 312 14.12 0.41 18.34
N TYR A 313 14.32 -0.79 17.84
CA TYR A 313 14.02 -1.98 18.62
C TYR A 313 14.78 -2.01 19.95
N ARG A 314 16.06 -1.62 19.94
CA ARG A 314 16.91 -1.69 21.14
C ARG A 314 16.84 -0.44 22.03
N SER A 315 16.03 0.51 21.63
CA SER A 315 15.79 1.70 22.43
C SER A 315 15.21 1.30 23.79
N SER A 316 15.51 2.08 24.81
CA SER A 316 14.93 1.83 26.12
C SER A 316 14.50 3.12 26.82
N ARG A 317 13.99 4.07 26.05
CA ARG A 317 13.44 5.31 26.61
C ARG A 317 12.06 5.09 27.22
N PRO A 318 11.68 5.94 28.18
CA PRO A 318 10.32 5.93 28.73
C PRO A 318 9.27 6.11 27.63
N LEU A 319 8.17 5.36 27.70
CA LEU A 319 7.12 5.42 26.69
C LEU A 319 5.86 6.05 27.21
N ARG A 320 5.18 6.82 26.35
CA ARG A 320 3.80 7.14 26.63
C ARG A 320 2.94 6.00 26.10
N VAL A 321 2.30 5.28 27.03
CA VAL A 321 1.51 4.09 26.70
C VAL A 321 0.02 4.33 26.89
N GLY A 322 -0.71 4.32 25.78
CA GLY A 322 -2.15 4.37 25.81
C GLY A 322 -2.64 3.02 26.28
N TYR A 323 -3.77 2.98 26.99
CA TYR A 323 -4.32 1.70 27.41
C TYR A 323 -5.82 1.74 27.66
N TYR A 324 -6.46 0.60 27.47
CA TYR A 324 -7.84 0.41 27.85
C TYR A 324 -8.00 -0.98 28.43
N GLU A 325 -8.94 -1.11 29.37
CA GLU A 325 -9.20 -2.36 30.08
C GLU A 325 -10.24 -3.19 29.34
N THR A 326 -11.01 -2.51 28.50
CA THR A 326 -12.10 -3.15 27.75
C THR A 326 -12.37 -2.33 26.50
N ASP A 327 -12.80 -3.00 25.43
CA ASP A 327 -13.15 -2.26 24.22
C ASP A 327 -14.62 -1.83 24.20
N ASN A 328 -15.35 -2.15 25.27
CA ASN A 328 -16.80 -1.89 25.35
C ASN A 328 -17.59 -2.67 24.32
N TYR A 329 -16.99 -3.72 23.78
CA TYR A 329 -17.63 -4.48 22.74
C TYR A 329 -17.62 -5.93 23.22
N THR A 330 -16.42 -6.46 23.44
CA THR A 330 -16.28 -7.75 24.08
C THR A 330 -15.91 -7.55 25.56
N MET A 331 -16.83 -7.87 26.46
CA MET A 331 -16.49 -7.79 27.88
C MET A 331 -15.30 -8.69 28.10
N PRO A 332 -14.23 -8.16 28.71
CA PRO A 332 -13.04 -8.99 28.93
C PRO A 332 -13.31 -10.05 29.99
N SER A 333 -12.69 -11.23 29.88
CA SER A 333 -12.75 -12.18 30.99
C SER A 333 -12.07 -11.55 32.18
N PRO A 334 -12.43 -11.97 33.40
CA PRO A 334 -11.69 -11.47 34.58
C PRO A 334 -10.17 -11.65 34.46
N ALA A 335 -9.73 -12.75 33.85
CA ALA A 335 -8.30 -12.96 33.64
C ALA A 335 -7.74 -11.97 32.58
N MET A 336 -8.47 -11.69 31.52
CA MET A 336 -7.99 -10.68 30.56
C MET A 336 -7.83 -9.33 31.25
N ARG A 337 -8.81 -8.97 32.08
CA ARG A 337 -8.79 -7.67 32.72
C ARG A 337 -7.68 -7.58 33.76
N ARG A 338 -7.54 -8.61 34.59
CA ARG A 338 -6.43 -8.62 35.52
C ARG A 338 -5.08 -8.52 34.77
N ALA A 339 -4.90 -9.33 33.73
CA ALA A 339 -3.70 -9.33 32.89
C ALA A 339 -3.32 -7.92 32.43
N LEU A 340 -4.32 -7.19 31.91
CA LEU A 340 -4.13 -5.82 31.43
C LEU A 340 -3.74 -4.88 32.56
N ILE A 341 -4.49 -4.92 33.65
CA ILE A 341 -4.24 -4.04 34.77
C ILE A 341 -2.90 -4.25 35.44
N GLU A 342 -2.49 -5.51 35.58
CA GLU A 342 -1.17 -5.77 36.17
C GLU A 342 -0.03 -5.27 35.28
N THR A 343 -0.21 -5.37 33.97
CA THR A 343 0.79 -4.90 33.01
C THR A 343 0.88 -3.38 33.06
N LYS A 344 -0.28 -2.73 33.06
CA LYS A 344 -0.34 -1.28 33.24
C LYS A 344 0.41 -0.88 34.50
N GLN A 345 0.11 -1.56 35.60
CA GLN A 345 0.76 -1.23 36.86
C GLN A 345 2.29 -1.38 36.88
N ARG A 346 2.82 -2.47 36.31
CA ARG A 346 4.26 -2.66 36.21
C ARG A 346 4.93 -1.71 35.21
N LEU A 347 4.23 -1.38 34.14
CA LEU A 347 4.72 -0.38 33.20
C LEU A 347 4.86 0.94 33.97
N GLU A 348 3.84 1.32 34.73
CA GLU A 348 3.96 2.49 35.60
C GLU A 348 5.08 2.39 36.64
N ALA A 349 5.22 1.25 37.33
CA ALA A 349 6.38 1.15 38.23
C ALA A 349 7.72 1.29 37.53
N ALA A 350 7.78 0.95 36.24
CA ALA A 350 9.06 1.04 35.53
C ALA A 350 9.33 2.42 34.88
N GLY A 351 8.47 3.39 35.16
CA GLY A 351 8.72 4.75 34.72
C GLY A 351 7.94 5.19 33.48
N HIS A 352 7.09 4.32 32.94
CA HIS A 352 6.33 4.69 31.75
C HIS A 352 5.11 5.49 32.15
N THR A 353 4.58 6.24 31.21
CA THR A 353 3.38 7.03 31.44
C THR A 353 2.20 6.31 30.81
N LEU A 354 1.19 6.00 31.62
CA LEU A 354 0.06 5.20 31.16
C LEU A 354 -1.16 6.08 30.99
N ILE A 355 -1.67 6.15 29.76
CA ILE A 355 -2.67 7.13 29.42
C ILE A 355 -3.96 6.45 28.98
N PRO A 356 -5.08 6.68 29.69
CA PRO A 356 -6.28 6.00 29.20
C PRO A 356 -6.62 6.44 27.79
N PHE A 357 -6.92 5.47 26.92
CA PHE A 357 -7.14 5.74 25.50
C PHE A 357 -7.95 4.62 24.89
N LEU A 358 -8.96 4.99 24.09
CA LEU A 358 -9.76 4.03 23.36
C LEU A 358 -10.06 4.52 21.94
N PRO A 359 -9.65 3.76 20.90
CA PRO A 359 -9.95 4.25 19.56
C PRO A 359 -11.44 4.53 19.41
N ASN A 360 -11.79 5.64 18.77
CA ASN A 360 -13.18 6.04 18.63
C ASN A 360 -13.90 5.07 17.68
N ASN A 361 -15.20 4.94 17.88
CA ASN A 361 -16.08 4.24 16.96
C ASN A 361 -15.69 2.80 16.63
N ILE A 362 -15.29 2.07 17.65
CA ILE A 362 -14.98 0.64 17.48
C ILE A 362 -16.14 -0.17 16.81
N PRO A 363 -17.40 0.03 17.25
CA PRO A 363 -18.47 -0.78 16.63
C PRO A 363 -18.61 -0.57 15.10
N TYR A 364 -18.44 0.67 14.65
CA TYR A 364 -18.33 0.99 13.22
C TYR A 364 -17.14 0.27 12.57
N ALA A 365 -15.96 0.38 13.19
CA ALA A 365 -14.76 -0.30 12.64
C ALA A 365 -14.97 -1.79 12.41
N LEU A 366 -15.68 -2.45 13.34
CA LEU A 366 -15.88 -3.92 13.31
C LEU A 366 -17.05 -4.32 12.42
N GLU A 367 -18.19 -3.68 12.61
CA GLU A 367 -19.43 -4.09 11.97
C GLU A 367 -19.49 -3.63 10.54
N VAL A 368 -19.07 -2.39 10.31
CA VAL A 368 -19.23 -1.75 9.01
C VAL A 368 -17.94 -1.84 8.14
N LEU A 369 -16.82 -1.38 8.67
CA LEU A 369 -15.59 -1.37 7.89
C LEU A 369 -14.92 -2.75 7.75
N SER A 370 -14.70 -3.44 8.86
CA SER A 370 -14.04 -4.72 8.82
C SER A 370 -14.95 -5.71 8.13
N THR A 371 -16.11 -5.95 8.70
CA THR A 371 -17.01 -6.95 8.16
C THR A 371 -17.38 -6.59 6.73
N GLY A 372 -17.71 -5.32 6.50
CA GLY A 372 -18.01 -4.86 5.16
C GLY A 372 -16.86 -5.09 4.19
N GLY A 373 -15.64 -4.76 4.62
CA GLY A 373 -14.48 -4.96 3.78
C GLY A 373 -14.25 -6.42 3.44
N LEU A 374 -14.38 -7.28 4.44
CA LEU A 374 -14.09 -8.69 4.31
C LEU A 374 -15.14 -9.34 3.42
N PHE A 375 -16.37 -8.82 3.45
CA PHE A 375 -17.46 -9.49 2.76
C PHE A 375 -18.21 -8.56 1.82
N SER A 376 -17.48 -7.64 1.20
CA SER A 376 -18.08 -6.62 0.33
C SER A 376 -18.97 -7.26 -0.72
N ASP A 377 -18.60 -8.47 -1.16
CA ASP A 377 -19.34 -9.16 -2.22
C ASP A 377 -20.36 -10.14 -1.67
N GLY A 378 -20.71 -9.99 -0.38
CA GLY A 378 -21.70 -10.89 0.21
C GLY A 378 -21.19 -12.28 0.54
N GLY A 379 -19.90 -12.53 0.28
CA GLY A 379 -19.28 -13.82 0.54
C GLY A 379 -19.27 -14.74 -0.67
N ARG A 380 -19.73 -14.27 -1.82
CA ARG A 380 -19.73 -15.13 -3.01
C ARG A 380 -18.38 -15.69 -3.42
N SER A 381 -17.33 -14.86 -3.37
CA SER A 381 -15.98 -15.27 -3.78
C SER A 381 -15.45 -16.33 -2.80
N PHE A 382 -15.63 -16.04 -1.52
CA PHE A 382 -15.30 -16.95 -0.44
C PHE A 382 -16.03 -18.28 -0.62
N LEU A 383 -17.33 -18.22 -0.93
CA LEU A 383 -18.14 -19.43 -1.08
C LEU A 383 -17.77 -20.35 -2.26
N GLN A 384 -17.09 -19.81 -3.27
CA GLN A 384 -16.65 -20.64 -4.39
C GLN A 384 -15.79 -21.76 -3.82
N ASN A 385 -15.03 -21.46 -2.77
CA ASN A 385 -14.16 -22.46 -2.14
C ASN A 385 -14.88 -23.67 -1.57
N PHE A 386 -16.15 -23.51 -1.22
CA PHE A 386 -16.85 -24.52 -0.44
C PHE A 386 -17.77 -25.38 -1.27
N LYS A 387 -17.86 -25.09 -2.57
CA LYS A 387 -18.76 -25.82 -3.44
C LYS A 387 -18.39 -27.30 -3.55
N GLY A 388 -19.36 -28.17 -3.30
CA GLY A 388 -19.13 -29.60 -3.21
C GLY A 388 -18.30 -30.09 -2.01
N ASP A 389 -18.03 -29.22 -1.05
CA ASP A 389 -17.16 -29.60 0.09
C ASP A 389 -17.99 -29.79 1.36
N PHE A 390 -17.48 -30.58 2.30
CA PHE A 390 -17.98 -30.53 3.67
C PHE A 390 -17.69 -29.17 4.26
N VAL A 391 -18.51 -28.78 5.22
CA VAL A 391 -18.24 -27.58 5.99
C VAL A 391 -17.89 -28.01 7.42
N ASP A 392 -16.65 -27.77 7.83
CA ASP A 392 -16.18 -28.21 9.14
C ASP A 392 -17.04 -27.59 10.26
N PRO A 393 -17.42 -28.39 11.27
CA PRO A 393 -18.24 -27.79 12.34
C PRO A 393 -17.60 -26.56 12.98
N CYS A 394 -16.27 -26.41 12.90
CA CYS A 394 -15.63 -25.29 13.58
C CYS A 394 -15.96 -23.96 12.88
N LEU A 395 -16.57 -24.00 11.71
CA LEU A 395 -16.96 -22.76 11.02
C LEU A 395 -18.34 -22.29 11.46
N GLY A 396 -19.01 -23.09 12.29
CA GLY A 396 -20.33 -22.73 12.75
C GLY A 396 -21.28 -22.53 11.58
N ASP A 397 -22.10 -21.49 11.67
CA ASP A 397 -23.09 -21.20 10.62
C ASP A 397 -22.61 -20.19 9.58
N LEU A 398 -21.30 -19.95 9.51
CA LEU A 398 -20.77 -18.89 8.64
C LEU A 398 -21.13 -19.11 7.17
N ILE A 399 -20.97 -20.33 6.69
CA ILE A 399 -21.26 -20.65 5.30
C ILE A 399 -22.77 -20.57 4.99
N LEU A 400 -23.58 -21.16 5.86
CA LEU A 400 -25.03 -21.07 5.74
C LEU A 400 -25.49 -19.61 5.77
N ILE A 401 -24.94 -18.80 6.66
CA ILE A 401 -25.35 -17.40 6.67
C ILE A 401 -24.94 -16.67 5.38
N LEU A 402 -23.68 -16.84 4.96
CA LEU A 402 -23.21 -16.19 3.75
C LEU A 402 -24.04 -16.58 2.52
N ARG A 403 -24.62 -17.79 2.53
CA ARG A 403 -25.34 -18.29 1.37
C ARG A 403 -26.71 -17.67 1.25
N LEU A 404 -27.21 -17.06 2.31
CA LEU A 404 -28.53 -16.47 2.22
C LEU A 404 -28.57 -15.36 1.17
N PRO A 405 -29.70 -15.26 0.43
CA PRO A 405 -29.87 -14.14 -0.51
C PRO A 405 -29.81 -12.76 0.20
N SER A 406 -29.34 -11.74 -0.51
CA SER A 406 -29.15 -10.42 0.09
C SER A 406 -30.42 -9.89 0.73
N TRP A 407 -31.56 -10.08 0.07
CA TRP A 407 -32.81 -9.50 0.56
C TRP A 407 -33.16 -10.13 1.88
N PHE A 408 -32.76 -11.38 2.02
CA PHE A 408 -33.10 -12.14 3.20
C PHE A 408 -32.17 -11.78 4.35
N LYS A 409 -30.89 -11.60 4.06
CA LYS A 409 -29.97 -11.07 5.07
C LYS A 409 -30.52 -9.74 5.57
N ARG A 410 -31.07 -8.97 4.64
CA ARG A 410 -31.58 -7.64 4.98
C ARG A 410 -32.80 -7.74 5.91
N LEU A 411 -33.79 -8.54 5.51
CA LEU A 411 -34.99 -8.73 6.31
C LEU A 411 -34.67 -9.28 7.68
N LEU A 412 -33.90 -10.35 7.72
CA LEU A 412 -33.53 -10.98 8.99
C LEU A 412 -32.80 -9.98 9.89
N SER A 413 -31.92 -9.17 9.30
CA SER A 413 -31.23 -8.12 10.03
C SER A 413 -32.22 -7.14 10.67
N LEU A 414 -33.26 -6.76 9.92
CA LEU A 414 -34.31 -5.87 10.43
C LEU A 414 -35.07 -6.49 11.61
N LEU A 415 -35.43 -7.76 11.49
CA LEU A 415 -36.07 -8.46 12.59
C LEU A 415 -35.17 -8.57 13.82
N LEU A 416 -33.86 -8.76 13.61
CA LEU A 416 -32.95 -8.92 14.74
C LEU A 416 -32.55 -7.60 15.42
N LYS A 417 -32.57 -6.51 14.67
CA LYS A 417 -32.10 -5.21 15.18
C LYS A 417 -32.61 -4.81 16.58
N PRO A 418 -33.92 -4.99 16.85
CA PRO A 418 -34.52 -4.59 18.12
C PRO A 418 -33.98 -5.36 19.32
N LEU A 419 -33.89 -6.68 19.21
CA LEU A 419 -33.39 -7.52 20.29
C LEU A 419 -31.86 -7.65 20.32
N PHE A 420 -31.27 -7.98 19.18
CA PHE A 420 -29.85 -8.26 19.09
C PHE A 420 -29.12 -7.41 18.04
N PRO A 421 -28.88 -6.13 18.33
CA PRO A 421 -28.32 -5.16 17.37
C PRO A 421 -26.97 -5.57 16.79
N ARG A 422 -26.15 -6.22 17.60
CA ARG A 422 -24.85 -6.68 17.14
C ARG A 422 -24.97 -7.71 16.00
N LEU A 423 -25.83 -8.71 16.21
CA LEU A 423 -26.05 -9.73 15.21
C LEU A 423 -26.60 -9.10 13.96
N ALA A 424 -27.55 -8.18 14.13
CA ALA A 424 -28.19 -7.50 13.02
C ALA A 424 -27.17 -6.70 12.23
N ALA A 425 -26.27 -6.02 12.94
CA ALA A 425 -25.33 -5.15 12.28
C ALA A 425 -24.33 -5.96 11.46
N PHE A 426 -23.86 -7.10 11.97
CA PHE A 426 -22.96 -7.95 11.19
C PHE A 426 -23.66 -8.52 9.95
N LEU A 427 -24.87 -9.02 10.15
CA LEU A 427 -25.61 -9.61 9.04
C LEU A 427 -25.84 -8.61 7.90
N ASN A 428 -26.28 -7.39 8.22
CA ASN A 428 -26.54 -6.41 7.19
C ASN A 428 -25.24 -6.09 6.42
N ASN A 429 -24.10 -6.19 7.10
CA ASN A 429 -22.84 -5.79 6.48
C ASN A 429 -22.11 -6.89 5.72
N MET A 430 -22.74 -8.06 5.69
CA MET A 430 -22.20 -9.21 4.95
C MET A 430 -22.95 -9.39 3.64
N ARG A 431 -23.65 -8.34 3.22
CA ARG A 431 -24.42 -8.34 1.97
C ARG A 431 -23.58 -7.89 0.75
N PRO A 432 -23.94 -8.36 -0.44
CA PRO A 432 -23.19 -7.93 -1.63
C PRO A 432 -23.52 -6.47 -1.92
N ARG A 433 -22.67 -5.80 -2.68
CA ARG A 433 -22.87 -4.40 -3.01
C ARG A 433 -22.13 -4.08 -4.30
N SER A 434 -22.39 -2.89 -4.83
CA SER A 434 -21.77 -2.45 -6.08
C SER A 434 -20.31 -2.01 -5.94
N ALA A 435 -19.61 -1.84 -7.07
CA ALA A 435 -18.25 -1.30 -7.03
C ALA A 435 -18.29 0.09 -6.42
N GLU A 436 -19.32 0.86 -6.78
CA GLU A 436 -19.47 2.22 -6.31
C GLU A 436 -19.48 2.32 -4.76
N LYS A 437 -20.18 1.39 -4.12
CA LYS A 437 -20.25 1.34 -2.66
C LYS A 437 -18.97 0.81 -2.03
N LEU A 438 -18.28 -0.07 -2.73
CA LEU A 438 -16.97 -0.51 -2.30
C LEU A 438 -15.99 0.68 -2.24
N TRP A 439 -15.98 1.51 -3.28
CA TRP A 439 -15.13 2.70 -3.29
C TRP A 439 -15.42 3.55 -2.03
N LYS A 440 -16.71 3.73 -1.77
CA LYS A 440 -17.18 4.53 -0.63
C LYS A 440 -16.67 3.88 0.67
N LEU A 441 -16.77 2.57 0.75
CA LEU A 441 -16.24 1.85 1.91
C LEU A 441 -14.69 2.00 2.04
N GLN A 442 -13.96 1.86 0.95
CA GLN A 442 -12.49 1.99 1.01
CA GLN A 442 -12.49 1.99 1.00
C GLN A 442 -12.11 3.37 1.51
N HIS A 443 -12.83 4.40 1.04
CA HIS A 443 -12.55 5.76 1.45
C HIS A 443 -12.80 5.93 2.96
N GLU A 444 -13.88 5.32 3.43
CA GLU A 444 -14.19 5.34 4.87
C GLU A 444 -13.11 4.65 5.71
N ILE A 445 -12.59 3.52 5.21
CA ILE A 445 -11.52 2.82 5.90
C ILE A 445 -10.30 3.74 6.01
N GLU A 446 -9.98 4.38 4.90
CA GLU A 446 -8.90 5.33 4.83
C GLU A 446 -9.10 6.54 5.80
N MET A 447 -10.28 7.14 5.82
CA MET A 447 -10.58 8.24 6.75
CA MET A 447 -10.54 8.23 6.76
C MET A 447 -10.55 7.77 8.23
N TYR A 448 -11.06 6.56 8.49
CA TYR A 448 -11.09 6.03 9.88
C TYR A 448 -9.64 5.86 10.39
N ARG A 449 -8.76 5.42 9.51
CA ARG A 449 -7.36 5.22 9.86
C ARG A 449 -6.72 6.56 10.25
N GLN A 450 -7.05 7.61 9.51
CA GLN A 450 -6.54 8.97 9.80
C GLN A 450 -7.18 9.54 11.09
N SER A 451 -8.44 9.21 11.30
CA SER A 451 -9.13 9.61 12.51
C SER A 451 -8.40 9.03 13.74
N VAL A 452 -8.10 7.74 13.73
CA VAL A 452 -7.48 7.12 14.89
C VAL A 452 -6.03 7.61 15.01
N ILE A 453 -5.34 7.78 13.87
CA ILE A 453 -3.99 8.37 13.92
C ILE A 453 -4.03 9.76 14.57
N ALA A 454 -5.03 10.56 14.24
CA ALA A 454 -5.07 11.90 14.78
C ALA A 454 -5.36 11.84 16.29
N GLN A 455 -6.25 10.94 16.67
CA GLN A 455 -6.65 10.80 18.07
C GLN A 455 -5.43 10.40 18.90
N TRP A 456 -4.65 9.47 18.36
CA TRP A 456 -3.42 8.96 18.94
C TRP A 456 -2.40 10.09 19.10
N LYS A 457 -2.19 10.85 18.04
CA LYS A 457 -1.24 11.97 18.12
C LYS A 457 -1.72 13.07 19.07
N ALA A 458 -3.04 13.24 19.25
CA ALA A 458 -3.52 14.30 20.14
C ALA A 458 -3.19 13.99 21.59
N MET A 459 -2.99 12.70 21.89
CA MET A 459 -2.55 12.30 23.22
C MET A 459 -1.06 12.08 23.21
N ASN A 460 -0.40 12.32 22.08
CA ASN A 460 1.04 12.10 21.95
CA ASN A 460 1.04 12.12 21.99
C ASN A 460 1.46 10.72 22.45
N LEU A 461 0.73 9.66 22.05
CA LEU A 461 1.11 8.29 22.43
C LEU A 461 2.34 7.82 21.70
N ASP A 462 3.09 6.91 22.32
CA ASP A 462 4.11 6.16 21.58
C ASP A 462 3.56 4.82 21.15
N VAL A 463 2.84 4.15 22.06
CA VAL A 463 2.33 2.83 21.78
C VAL A 463 1.01 2.69 22.54
N LEU A 464 0.36 1.57 22.31
CA LEU A 464 -0.97 1.30 22.86
C LEU A 464 -1.05 -0.14 23.40
N LEU A 465 -1.52 -0.26 24.63
CA LEU A 465 -1.64 -1.53 25.32
C LEU A 465 -3.13 -1.93 25.44
N THR A 466 -3.50 -3.12 24.98
CA THR A 466 -4.91 -3.50 25.02
C THR A 466 -5.05 -4.91 25.56
N PRO A 467 -6.27 -5.27 26.01
CA PRO A 467 -6.53 -6.66 26.40
C PRO A 467 -6.38 -7.58 25.16
N MET A 468 -6.14 -8.87 25.38
CA MET A 468 -6.09 -9.83 24.27
C MET A 468 -6.99 -10.98 24.63
N LEU A 469 -7.80 -11.46 23.69
CA LEU A 469 -8.77 -12.49 24.01
C LEU A 469 -8.13 -13.72 24.66
N GLY A 470 -8.67 -14.15 25.80
CA GLY A 470 -8.23 -15.36 26.48
C GLY A 470 -8.98 -15.52 27.80
N PRO A 471 -8.86 -16.69 28.43
CA PRO A 471 -8.07 -17.84 27.96
C PRO A 471 -8.72 -18.56 26.78
N ALA A 472 -8.09 -19.63 26.32
CA ALA A 472 -8.53 -20.38 25.15
C ALA A 472 -9.96 -20.90 25.25
N LEU A 473 -10.68 -20.81 24.15
CA LEU A 473 -12.07 -21.28 24.08
C LEU A 473 -12.10 -22.77 23.79
N ASP A 474 -13.14 -23.42 24.28
CA ASP A 474 -13.38 -24.82 23.94
C ASP A 474 -13.30 -25.00 22.44
N LEU A 475 -12.78 -26.16 22.02
CA LEU A 475 -12.88 -26.57 20.62
C LEU A 475 -14.27 -26.28 20.02
N ASN A 476 -14.30 -25.89 18.74
CA ASN A 476 -15.56 -25.68 18.00
C ASN A 476 -16.44 -24.57 18.55
N THR A 477 -15.90 -23.71 19.39
CA THR A 477 -16.68 -22.55 19.85
C THR A 477 -16.29 -21.20 19.23
N PRO A 478 -15.01 -20.98 18.87
CA PRO A 478 -14.71 -19.72 18.17
C PRO A 478 -15.72 -19.35 17.04
N GLY A 479 -16.16 -20.33 16.27
CA GLY A 479 -17.11 -20.11 15.19
C GLY A 479 -18.49 -19.68 15.66
N ARG A 480 -18.75 -19.79 16.96
CA ARG A 480 -20.04 -19.33 17.50
C ARG A 480 -19.87 -18.11 18.40
N ALA A 481 -18.68 -17.52 18.38
CA ALA A 481 -18.37 -16.39 19.24
C ALA A 481 -17.64 -15.36 18.41
N THR A 482 -18.25 -14.95 17.30
CA THR A 482 -17.63 -14.03 16.34
C THR A 482 -17.29 -12.66 16.94
N GLY A 483 -18.17 -12.16 17.79
CA GLY A 483 -17.98 -10.85 18.41
C GLY A 483 -16.65 -10.70 19.11
N ALA A 484 -16.08 -11.82 19.58
CA ALA A 484 -14.80 -11.82 20.30
C ALA A 484 -13.55 -11.54 19.42
N VAL A 485 -13.70 -11.39 18.11
CA VAL A 485 -12.56 -10.94 17.29
C VAL A 485 -12.34 -9.42 17.47
N SER A 486 -13.14 -8.78 18.33
CA SER A 486 -13.10 -7.32 18.39
C SER A 486 -11.74 -6.76 18.78
N TYR A 487 -11.04 -7.41 19.70
CA TYR A 487 -9.77 -6.88 20.22
C TYR A 487 -8.67 -6.89 19.18
N THR A 488 -8.67 -7.91 18.32
CA THR A 488 -7.64 -8.02 17.33
C THR A 488 -8.06 -7.42 16.00
N MET A 489 -9.29 -7.68 15.59
CA MET A 489 -9.66 -7.30 14.22
C MET A 489 -9.62 -5.76 14.00
N LEU A 490 -9.82 -5.01 15.08
CA LEU A 490 -9.70 -3.56 15.02
C LEU A 490 -8.37 -3.14 14.36
N TYR A 491 -7.28 -3.88 14.64
CA TYR A 491 -5.96 -3.48 14.12
C TYR A 491 -5.64 -3.97 12.71
N ASN A 492 -6.40 -4.93 12.17
CA ASN A 492 -6.39 -5.21 10.72
C ASN A 492 -7.15 -4.09 9.97
N CYS A 493 -8.29 -3.68 10.50
CA CYS A 493 -9.02 -2.54 9.94
C CYS A 493 -8.09 -1.33 9.85
N LEU A 494 -7.44 -1.02 10.95
CA LEU A 494 -6.55 0.14 11.02
C LEU A 494 -5.22 -0.11 10.33
N ASP A 495 -4.88 -1.38 10.12
CA ASP A 495 -3.59 -1.78 9.59
C ASP A 495 -2.42 -1.16 10.40
N PHE A 496 -2.42 -1.41 11.70
CA PHE A 496 -1.34 -1.05 12.60
C PHE A 496 -0.63 -2.35 12.96
N PRO A 497 0.70 -2.30 13.13
CA PRO A 497 1.38 -3.45 13.71
C PRO A 497 0.86 -3.73 15.13
N ALA A 498 0.57 -4.99 15.43
CA ALA A 498 0.07 -5.35 16.74
C ALA A 498 0.64 -6.73 17.10
N GLY A 499 1.09 -6.90 18.34
CA GLY A 499 1.68 -8.17 18.75
C GLY A 499 1.12 -8.62 20.10
N VAL A 500 1.34 -9.88 20.44
CA VAL A 500 0.86 -10.35 21.73
C VAL A 500 1.97 -11.04 22.56
N VAL A 501 1.94 -10.82 23.87
CA VAL A 501 2.92 -11.38 24.81
C VAL A 501 2.12 -12.01 25.96
N PRO A 502 2.44 -13.27 26.30
CA PRO A 502 1.84 -13.95 27.47
C PRO A 502 2.27 -13.23 28.78
N VAL A 503 1.36 -12.92 29.69
CA VAL A 503 1.75 -12.21 30.90
C VAL A 503 1.30 -12.90 32.18
N THR A 504 0.38 -13.86 32.07
CA THR A 504 -0.12 -14.54 33.23
C THR A 504 -0.88 -15.86 32.91
N THR A 505 -1.34 -16.56 33.94
CA THR A 505 -2.17 -17.75 33.74
C THR A 505 -3.45 -17.53 34.53
N VAL A 506 -4.51 -18.21 34.12
CA VAL A 506 -5.80 -18.10 34.79
C VAL A 506 -5.72 -18.71 36.20
N THR A 507 -6.09 -17.93 37.22
CA THR A 507 -6.14 -18.42 38.61
C THR A 507 -7.52 -19.00 38.91
N ALA A 508 -7.63 -19.68 40.05
CA ALA A 508 -8.92 -20.20 40.51
C ALA A 508 -9.94 -19.08 40.66
N GLU A 509 -9.50 -17.96 41.21
CA GLU A 509 -10.38 -16.80 41.37
C GLU A 509 -10.83 -16.20 40.03
N ASP A 510 -9.91 -16.04 39.07
CA ASP A 510 -10.27 -15.59 37.71
C ASP A 510 -11.35 -16.51 37.18
N ASP A 511 -11.10 -17.79 37.32
CA ASP A 511 -11.97 -18.78 36.73
C ASP A 511 -13.35 -18.79 37.43
N ALA A 512 -13.36 -18.59 38.75
CA ALA A 512 -14.63 -18.51 39.46
C ALA A 512 -15.43 -17.25 39.08
N GLN A 513 -14.74 -16.13 38.90
CA GLN A 513 -15.42 -14.87 38.56
C GLN A 513 -16.01 -14.91 37.16
N MET A 514 -15.46 -15.78 36.30
CA MET A 514 -15.93 -15.95 34.93
C MET A 514 -17.36 -16.43 34.98
N GLU A 515 -17.75 -16.96 36.14
CA GLU A 515 -19.11 -17.45 36.35
C GLU A 515 -20.15 -16.33 36.40
N LEU A 516 -19.72 -15.12 36.72
CA LEU A 516 -20.65 -13.98 36.75
C LEU A 516 -20.63 -13.19 35.43
N TYR A 517 -19.91 -13.70 34.44
CA TYR A 517 -19.71 -12.97 33.19
C TYR A 517 -21.00 -12.80 32.40
N LYS A 518 -21.38 -11.56 32.12
CA LYS A 518 -22.60 -11.27 31.34
C LYS A 518 -22.38 -10.76 29.89
N GLY A 519 -21.31 -10.02 29.66
CA GLY A 519 -21.06 -9.43 28.35
C GLY A 519 -21.90 -8.17 28.20
N TYR A 520 -21.61 -7.32 27.22
CA TYR A 520 -22.35 -6.06 27.08
C TYR A 520 -23.66 -6.21 26.33
N PHE A 521 -23.84 -7.32 25.60
CA PHE A 521 -25.02 -7.48 24.75
C PHE A 521 -26.01 -8.59 25.14
N GLY A 522 -25.53 -9.62 25.82
CA GLY A 522 -26.38 -10.73 26.23
C GLY A 522 -26.90 -11.53 25.03
N ASP A 523 -26.25 -11.39 23.88
CA ASP A 523 -26.66 -12.14 22.69
C ASP A 523 -25.95 -13.51 22.63
N ILE A 524 -26.22 -14.29 21.60
CA ILE A 524 -25.66 -15.63 21.55
C ILE A 524 -24.12 -15.66 21.66
N TRP A 525 -23.46 -14.62 21.16
CA TRP A 525 -21.99 -14.54 21.20
C TRP A 525 -21.45 -14.38 22.64
N ASP A 526 -22.10 -13.51 23.41
CA ASP A 526 -21.80 -13.38 24.82
C ASP A 526 -22.09 -14.66 25.60
N ILE A 527 -23.24 -15.29 25.35
CA ILE A 527 -23.58 -16.55 26.04
C ILE A 527 -22.56 -17.66 25.77
N ILE A 528 -22.18 -17.85 24.50
CA ILE A 528 -21.18 -18.88 24.14
C ILE A 528 -19.82 -18.59 24.82
N LEU A 529 -19.43 -17.31 24.87
CA LEU A 529 -18.09 -16.97 25.34
C LEU A 529 -17.92 -17.42 26.78
N LYS A 530 -18.93 -17.17 27.61
CA LYS A 530 -18.89 -17.58 28.99
C LYS A 530 -18.72 -19.11 29.13
N LYS A 531 -19.49 -19.88 28.37
CA LYS A 531 -19.41 -21.34 28.44
C LYS A 531 -18.10 -21.86 27.89
N ALA A 532 -17.66 -21.26 26.79
CA ALA A 532 -16.45 -21.69 26.10
C ALA A 532 -15.16 -21.43 26.90
N MET A 533 -15.23 -20.52 27.87
CA MET A 533 -14.06 -20.21 28.70
C MET A 533 -14.05 -20.92 30.05
N LYS A 534 -15.07 -21.72 30.31
CA LYS A 534 -15.16 -22.51 31.53
C LYS A 534 -13.96 -23.47 31.65
N ASN A 535 -13.61 -23.83 32.88
CA ASN A 535 -12.57 -24.82 33.14
C ASN A 535 -11.22 -24.39 32.55
N SER A 536 -10.75 -23.20 32.94
CA SER A 536 -9.54 -22.66 32.36
C SER A 536 -8.39 -22.40 33.34
N VAL A 537 -8.49 -22.91 34.57
CA VAL A 537 -7.39 -22.67 35.53
C VAL A 537 -6.06 -23.14 34.95
N GLY A 538 -5.05 -22.29 35.00
CA GLY A 538 -3.75 -22.65 34.47
C GLY A 538 -3.46 -22.24 33.01
N LEU A 539 -4.47 -21.93 32.22
CA LEU A 539 -4.20 -21.53 30.84
C LEU A 539 -3.56 -20.11 30.73
N PRO A 540 -2.67 -19.91 29.73
CA PRO A 540 -2.01 -18.61 29.49
C PRO A 540 -3.00 -17.51 29.07
N VAL A 541 -2.73 -16.30 29.53
CA VAL A 541 -3.46 -15.11 29.13
C VAL A 541 -2.48 -14.01 28.73
N ALA A 542 -2.83 -13.27 27.68
CA ALA A 542 -1.89 -12.34 27.05
C ALA A 542 -2.40 -10.90 27.14
N VAL A 543 -1.52 -9.96 26.79
CA VAL A 543 -1.96 -8.61 26.40
C VAL A 543 -1.51 -8.34 24.98
N GLN A 544 -2.07 -7.29 24.37
CA GLN A 544 -1.72 -6.88 23.01
C GLN A 544 -0.95 -5.54 23.00
N CYS A 545 0.06 -5.43 22.15
CA CYS A 545 0.88 -4.24 22.03
C CYS A 545 0.75 -3.70 20.61
N VAL A 546 0.46 -2.41 20.48
CA VAL A 546 0.17 -1.79 19.20
C VAL A 546 1.06 -0.55 19.01
N ALA A 547 1.53 -0.32 17.79
CA ALA A 547 2.17 0.95 17.46
C ALA A 547 1.60 1.41 16.13
N LEU A 548 2.07 2.54 15.63
CA LEU A 548 1.58 3.08 14.37
C LEU A 548 2.05 2.25 13.18
N PRO A 549 1.42 2.46 11.99
CA PRO A 549 1.89 1.78 10.76
C PRO A 549 3.39 1.90 10.53
N TRP A 550 4.01 0.80 10.11
CA TRP A 550 5.45 0.75 9.82
C TRP A 550 6.28 0.82 11.10
N GLN A 551 5.65 0.80 12.26
CA GLN A 551 6.45 0.86 13.47
C GLN A 551 6.63 -0.51 14.15
N GLU A 552 6.91 -1.54 13.36
CA GLU A 552 7.14 -2.88 13.93
C GLU A 552 8.25 -2.87 15.00
N GLU A 553 9.33 -2.12 14.74
CA GLU A 553 10.45 -2.08 15.69
C GLU A 553 10.05 -1.53 17.06
N LEU A 554 9.22 -0.50 17.06
CA LEU A 554 8.76 0.13 18.30
C LEU A 554 7.77 -0.79 18.98
N CYS A 555 6.89 -1.39 18.18
CA CYS A 555 5.94 -2.33 18.72
C CYS A 555 6.72 -3.50 19.40
N LEU A 556 7.76 -4.02 18.74
CA LEU A 556 8.56 -5.08 19.33
C LEU A 556 9.35 -4.57 20.55
N ARG A 557 9.82 -3.33 20.51
CA ARG A 557 10.50 -2.75 21.67
C ARG A 557 9.56 -2.79 22.88
N PHE A 558 8.31 -2.41 22.65
CA PHE A 558 7.31 -2.33 23.71
C PHE A 558 6.94 -3.75 24.14
N MET A 559 6.81 -4.67 23.18
CA MET A 559 6.52 -6.06 23.54
C MET A 559 7.63 -6.63 24.45
N ARG A 560 8.89 -6.33 24.13
CA ARG A 560 10.02 -6.71 24.98
C ARG A 560 9.90 -6.14 26.40
N GLU A 561 9.42 -4.90 26.52
CA GLU A 561 9.26 -4.28 27.80
C GLU A 561 8.24 -5.03 28.65
N VAL A 562 7.10 -5.34 28.06
CA VAL A 562 6.06 -6.10 28.75
C VAL A 562 6.58 -7.51 29.15
N GLU A 563 7.35 -8.14 28.28
CA GLU A 563 7.93 -9.45 28.59
C GLU A 563 8.93 -9.39 29.76
N GLN A 564 9.77 -8.37 29.81
CA GLN A 564 10.72 -8.19 30.92
C GLN A 564 10.01 -8.02 32.27
N LEU A 565 8.86 -7.37 32.25
CA LEU A 565 8.19 -7.00 33.48
C LEU A 565 7.24 -8.08 33.96
N MET A 566 6.62 -8.81 33.04
CA MET A 566 5.50 -9.68 33.40
C MET A 566 5.98 -11.11 33.53
N THR A 567 7.06 -11.42 32.84
CA THR A 567 7.69 -12.72 32.98
C THR A 567 9.19 -12.52 33.21
N PRO A 568 9.57 -12.06 34.42
CA PRO A 568 10.98 -11.69 34.67
C PRO A 568 11.89 -12.92 34.73
N GLN A 569 11.32 -14.11 34.62
CA GLN A 569 12.08 -15.34 34.80
C GLN A 569 12.28 -16.05 33.46
N LYS A 570 11.79 -15.42 32.39
CA LYS A 570 12.00 -15.92 31.05
C LYS A 570 13.48 -15.96 30.69
N GLN A 571 13.90 -17.01 30.00
CA GLN A 571 15.29 -17.23 29.61
C GLN A 571 15.87 -16.18 28.66
N PRO A 572 17.04 -15.63 29.00
CA PRO A 572 17.68 -14.59 28.19
C PRO A 572 18.10 -15.10 26.80
N GLY B 27 -31.00 25.83 -16.04
CA GLY B 27 -30.42 25.95 -14.73
C GLY B 27 -28.90 26.04 -14.74
N ARG B 28 -28.38 27.26 -14.98
CA ARG B 28 -26.94 27.49 -15.00
C ARG B 28 -26.50 28.73 -14.21
N GLN B 29 -27.43 29.31 -13.44
CA GLN B 29 -27.15 30.52 -12.66
C GLN B 29 -26.01 30.28 -11.69
N LYS B 30 -26.01 29.10 -11.07
CA LYS B 30 -25.00 28.78 -10.06
C LYS B 30 -23.59 28.68 -10.66
N ALA B 31 -23.47 27.94 -11.76
CA ALA B 31 -22.20 27.79 -12.49
C ALA B 31 -21.64 29.14 -12.97
N ARG B 32 -22.52 30.00 -13.49
CA ARG B 32 -22.15 31.34 -13.94
C ARG B 32 -21.64 32.21 -12.78
N GLY B 33 -22.40 32.23 -11.69
CA GLY B 33 -22.02 32.92 -10.47
C GLY B 33 -20.66 32.45 -9.95
N ALA B 34 -20.46 31.14 -9.92
CA ALA B 34 -19.21 30.56 -9.50
C ALA B 34 -18.03 31.06 -10.35
N ALA B 35 -18.25 31.15 -11.67
CA ALA B 35 -17.18 31.58 -12.59
C ALA B 35 -16.84 33.05 -12.36
N THR B 36 -17.88 33.88 -12.22
CA THR B 36 -17.73 35.31 -11.94
C THR B 36 -16.92 35.53 -10.63
N ARG B 37 -17.29 34.86 -9.55
CA ARG B 37 -16.52 34.97 -8.31
C ARG B 37 -15.09 34.47 -8.47
N ALA B 38 -14.90 33.30 -9.08
CA ALA B 38 -13.57 32.73 -9.24
C ALA B 38 -12.66 33.69 -10.04
N ARG B 39 -13.18 34.23 -11.13
CA ARG B 39 -12.43 35.20 -11.93
C ARG B 39 -12.12 36.47 -11.15
N GLN B 40 -13.04 36.91 -10.31
CA GLN B 40 -12.74 38.11 -9.52
C GLN B 40 -11.63 37.82 -8.51
N LYS B 41 -11.70 36.66 -7.88
CA LYS B 41 -10.63 36.25 -6.96
C LYS B 41 -9.27 36.15 -7.64
N GLN B 42 -9.24 35.51 -8.81
CA GLN B 42 -8.00 35.37 -9.55
C GLN B 42 -7.44 36.75 -9.89
N ARG B 43 -8.32 37.62 -10.37
CA ARG B 43 -7.98 39.00 -10.71
C ARG B 43 -7.44 39.77 -9.51
N ALA B 44 -8.06 39.62 -8.34
CA ALA B 44 -7.58 40.30 -7.14
C ALA B 44 -6.22 39.75 -6.69
N SER B 45 -5.99 38.45 -6.91
CA SER B 45 -4.71 37.83 -6.53
C SER B 45 -3.56 38.36 -7.38
N LEU B 46 -3.80 38.44 -8.70
CA LEU B 46 -2.77 38.91 -9.62
C LEU B 46 -2.44 40.37 -9.31
N GLU B 47 -3.47 41.13 -9.00
CA GLU B 47 -3.31 42.52 -8.58
C GLU B 47 -2.49 42.63 -7.27
N THR B 48 -2.79 41.77 -6.29
CA THR B 48 -1.99 41.75 -5.08
C THR B 48 -0.51 41.44 -5.39
N MET B 49 -0.27 40.50 -6.31
CA MET B 49 1.09 40.15 -6.69
C MET B 49 1.77 41.35 -7.36
N ASP B 50 1.09 41.97 -8.32
CA ASP B 50 1.62 43.13 -9.03
C ASP B 50 2.10 44.21 -8.01
N LYS B 51 1.22 44.61 -7.10
CA LYS B 51 1.60 45.62 -6.09
C LYS B 51 2.79 45.19 -5.24
N ALA B 52 2.80 43.93 -4.79
CA ALA B 52 3.93 43.44 -4.02
C ALA B 52 5.19 43.51 -4.86
N VAL B 53 5.09 43.12 -6.11
CA VAL B 53 6.28 43.08 -6.94
C VAL B 53 6.85 44.49 -7.15
N GLN B 54 5.97 45.45 -7.42
CA GLN B 54 6.42 46.81 -7.72
C GLN B 54 7.03 47.45 -6.49
N ARG B 55 6.42 47.21 -5.34
CA ARG B 55 6.88 47.72 -4.07
C ARG B 55 8.31 47.22 -3.88
N PHE B 56 8.52 45.93 -4.10
CA PHE B 56 9.87 45.38 -3.93
C PHE B 56 10.89 45.96 -4.90
N ARG B 57 10.50 46.06 -6.18
CA ARG B 57 11.44 46.53 -7.20
C ARG B 57 11.93 47.96 -6.90
N LEU B 58 11.04 48.81 -6.41
CA LEU B 58 11.45 50.17 -6.04
C LEU B 58 12.49 50.19 -4.93
N GLN B 59 12.43 49.24 -4.00
CA GLN B 59 13.45 49.16 -2.95
C GLN B 59 14.74 48.47 -3.39
N ASN B 60 14.70 47.80 -4.55
CA ASN B 60 15.85 47.00 -4.98
C ASN B 60 16.21 47.23 -6.45
N PRO B 61 16.48 48.48 -6.82
CA PRO B 61 16.73 48.78 -8.23
C PRO B 61 18.00 48.12 -8.82
N ASP B 62 18.97 47.74 -7.99
CA ASP B 62 20.21 47.19 -8.52
C ASP B 62 20.26 45.66 -8.56
N LEU B 63 19.14 45.02 -8.23
CA LEU B 63 19.11 43.56 -8.22
C LEU B 63 19.21 42.99 -9.64
N ASP B 64 20.16 42.09 -9.85
CA ASP B 64 20.26 41.39 -11.13
C ASP B 64 19.21 40.25 -11.16
N SER B 65 17.99 40.61 -11.50
CA SER B 65 16.87 39.69 -11.53
C SER B 65 17.12 38.53 -12.52
N GLU B 66 17.65 38.85 -13.68
CA GLU B 66 17.89 37.83 -14.71
C GLU B 66 18.83 36.74 -14.20
N ALA B 67 19.88 37.16 -13.52
CA ALA B 67 20.87 36.23 -13.01
C ALA B 67 20.25 35.37 -11.90
N LEU B 68 19.40 35.97 -11.07
CA LEU B 68 18.73 35.22 -10.01
C LEU B 68 17.77 34.16 -10.58
N LEU B 69 16.95 34.58 -11.54
CA LEU B 69 15.96 33.71 -12.17
C LEU B 69 16.63 32.55 -12.94
N THR B 70 17.87 32.74 -13.33
CA THR B 70 18.58 31.80 -14.19
C THR B 70 19.34 30.73 -13.40
N LEU B 71 19.68 31.03 -12.15
CA LEU B 71 20.42 30.07 -11.33
C LEU B 71 19.70 28.74 -11.29
N PRO B 72 20.41 27.66 -11.56
CA PRO B 72 19.78 26.36 -11.27
C PRO B 72 19.35 26.30 -9.78
N LEU B 73 18.22 25.67 -9.48
CA LEU B 73 17.75 25.56 -8.10
C LEU B 73 18.81 25.19 -7.07
N LEU B 74 19.65 24.20 -7.37
CA LEU B 74 20.71 23.76 -6.46
C LEU B 74 21.60 24.93 -5.99
N GLN B 75 22.05 25.74 -6.93
CA GLN B 75 22.89 26.90 -6.63
C GLN B 75 22.08 27.97 -5.93
N LEU B 76 20.79 28.04 -6.26
CA LEU B 76 19.91 29.02 -5.64
C LEU B 76 19.77 28.68 -4.14
N VAL B 77 19.53 27.41 -3.86
CA VAL B 77 19.44 26.91 -2.48
C VAL B 77 20.74 27.20 -1.74
N GLN B 78 21.86 26.90 -2.37
CA GLN B 78 23.17 27.14 -1.75
C GLN B 78 23.37 28.62 -1.39
N LYS B 79 22.92 29.51 -2.27
CA LYS B 79 23.09 30.94 -2.01
C LYS B 79 22.19 31.43 -0.90
N LEU B 80 20.98 30.88 -0.84
CA LEU B 80 20.04 31.24 0.21
C LEU B 80 20.54 30.74 1.57
N GLN B 81 21.15 29.57 1.58
CA GLN B 81 21.63 28.99 2.82
C GLN B 81 22.84 29.78 3.36
N SER B 82 23.67 30.30 2.45
CA SER B 82 24.86 31.01 2.88
C SER B 82 24.55 32.44 3.30
N GLY B 83 23.47 33.01 2.76
CA GLY B 83 23.15 34.41 2.98
C GLY B 83 23.50 35.32 1.81
N GLU B 84 24.21 34.80 0.82
CA GLU B 84 24.49 35.57 -0.40
C GLU B 84 23.23 36.14 -1.04
N LEU B 85 22.13 35.38 -0.97
CA LEU B 85 20.84 35.89 -1.42
C LEU B 85 19.85 35.91 -0.26
N SER B 86 19.02 36.94 -0.21
CA SER B 86 18.01 37.00 0.83
C SER B 86 16.78 36.25 0.34
N PRO B 87 16.01 35.67 1.27
CA PRO B 87 14.78 35.03 0.82
C PRO B 87 13.83 36.02 0.13
N GLU B 88 13.77 37.26 0.60
CA GLU B 88 12.90 38.28 0.00
C GLU B 88 13.30 38.54 -1.44
N ALA B 89 14.59 38.66 -1.72
CA ALA B 89 15.03 38.89 -3.10
C ALA B 89 14.60 37.69 -3.97
N VAL B 90 14.79 36.47 -3.48
CA VAL B 90 14.45 35.32 -4.30
C VAL B 90 12.94 35.27 -4.50
N PHE B 91 12.21 35.50 -3.41
CA PHE B 91 10.77 35.34 -3.49
C PHE B 91 10.10 36.37 -4.39
N PHE B 92 10.45 37.64 -4.20
CA PHE B 92 9.80 38.70 -4.96
C PHE B 92 10.22 38.70 -6.41
N THR B 93 11.43 38.21 -6.67
CA THR B 93 11.90 38.12 -8.04
C THR B 93 11.13 37.04 -8.78
N TYR B 94 10.95 35.87 -8.17
CA TYR B 94 10.13 34.83 -8.79
C TYR B 94 8.68 35.28 -8.89
N LEU B 95 8.23 36.08 -7.91
CA LEU B 95 6.84 36.55 -7.90
C LEU B 95 6.58 37.42 -9.12
N GLY B 96 7.48 38.35 -9.39
CA GLY B 96 7.34 39.19 -10.57
C GLY B 96 7.39 38.41 -11.88
N LYS B 97 8.28 37.42 -11.95
CA LYS B 97 8.37 36.54 -13.12
C LYS B 97 7.05 35.77 -13.30
N ALA B 98 6.54 35.19 -12.21
CA ALA B 98 5.27 34.44 -12.29
C ALA B 98 4.14 35.31 -12.83
N TRP B 99 4.11 36.56 -12.37
CA TRP B 99 3.07 37.49 -12.79
C TRP B 99 3.24 37.82 -14.28
N GLU B 100 4.48 38.05 -14.71
CA GLU B 100 4.78 38.34 -16.12
C GLU B 100 4.38 37.19 -17.06
N VAL B 101 4.84 35.98 -16.74
CA VAL B 101 4.58 34.85 -17.62
C VAL B 101 3.11 34.45 -17.57
N ASN B 102 2.43 34.75 -16.47
CA ASN B 102 1.01 34.40 -16.41
C ASN B 102 0.21 35.20 -17.46
N LYS B 103 0.73 36.36 -17.88
CA LYS B 103 0.05 37.20 -18.85
C LYS B 103 -0.30 36.44 -20.12
N GLY B 104 0.60 35.56 -20.55
CA GLY B 104 0.40 34.82 -21.78
C GLY B 104 0.03 33.35 -21.65
N THR B 105 -0.02 32.84 -20.43
CA THR B 105 -0.31 31.44 -20.19
C THR B 105 -1.59 31.19 -19.38
N ASN B 106 -2.00 32.16 -18.55
CA ASN B 106 -3.13 31.99 -17.64
C ASN B 106 -2.95 30.71 -16.79
N CYS B 107 -1.82 30.60 -16.12
CA CYS B 107 -1.53 29.42 -15.33
C CYS B 107 -1.78 29.61 -13.83
N VAL B 108 -1.85 30.85 -13.35
CA VAL B 108 -2.02 31.10 -11.94
C VAL B 108 -3.47 31.35 -11.58
N THR B 109 -4.03 30.56 -10.68
CA THR B 109 -5.41 30.81 -10.21
C THR B 109 -5.47 31.62 -8.94
N SER B 110 -4.49 31.50 -8.07
CA SER B 110 -4.59 32.18 -6.77
C SER B 110 -3.21 32.43 -6.17
N TYR B 111 -3.06 33.61 -5.57
CA TYR B 111 -1.86 33.98 -4.85
C TYR B 111 -2.06 33.54 -3.40
N LEU B 112 -1.17 32.69 -2.89
CA LEU B 112 -1.33 32.15 -1.53
C LEU B 112 -1.04 33.26 -0.50
N THR B 113 -2.10 33.81 0.05
CA THR B 113 -2.03 35.12 0.68
C THR B 113 -0.96 35.37 1.75
N ASP B 114 -0.93 34.48 2.74
CA ASP B 114 -0.03 34.65 3.86
C ASP B 114 1.40 34.18 3.59
N CYS B 115 1.76 33.94 2.33
CA CYS B 115 3.05 33.32 2.07
C CYS B 115 4.19 34.28 2.38
N GLU B 116 3.91 35.58 2.38
CA GLU B 116 4.90 36.59 2.76
C GLU B 116 5.25 36.48 4.24
N THR B 117 4.26 36.15 5.07
CA THR B 117 4.57 35.95 6.48
C THR B 117 5.36 34.65 6.67
N GLN B 118 4.96 33.60 5.95
CA GLN B 118 5.70 32.34 5.96
C GLN B 118 7.16 32.56 5.59
N LEU B 119 7.37 33.49 4.66
CA LEU B 119 8.69 33.86 4.16
C LEU B 119 9.61 34.36 5.27
N SER B 120 9.06 35.19 6.16
CA SER B 120 9.87 35.73 7.27
C SER B 120 10.10 34.70 8.38
N GLN B 121 9.30 33.63 8.37
CA GLN B 121 9.38 32.60 9.41
C GLN B 121 9.98 31.26 8.96
N ALA B 122 10.44 31.17 7.71
CA ALA B 122 10.93 29.90 7.17
C ALA B 122 12.10 29.40 8.01
N PRO B 123 12.03 28.13 8.44
CA PRO B 123 13.13 27.51 9.20
C PRO B 123 14.47 27.56 8.47
N ARG B 124 15.42 28.23 9.11
CA ARG B 124 16.69 28.65 8.50
C ARG B 124 17.58 27.48 8.06
N GLN B 125 17.38 26.34 8.70
CA GLN B 125 18.14 25.12 8.39
C GLN B 125 17.33 24.17 7.51
N GLY B 126 16.11 24.54 7.16
CA GLY B 126 15.33 23.74 6.21
C GLY B 126 16.09 23.54 4.90
N LEU B 127 15.98 22.34 4.32
CA LEU B 127 16.68 21.98 3.09
C LEU B 127 16.23 22.77 1.88
N LEU B 128 15.11 23.48 2.02
CA LEU B 128 14.53 24.27 0.93
C LEU B 128 14.36 25.71 1.40
N TYR B 129 15.17 26.13 2.38
CA TYR B 129 15.06 27.47 2.90
C TYR B 129 15.00 28.54 1.80
N GLY B 130 13.91 29.31 1.80
CA GLY B 130 13.74 30.43 0.90
C GLY B 130 13.34 30.09 -0.52
N VAL B 131 13.11 28.82 -0.82
CA VAL B 131 12.67 28.48 -2.17
C VAL B 131 11.17 28.72 -2.36
N PRO B 132 10.79 29.49 -3.39
CA PRO B 132 9.36 29.60 -3.69
C PRO B 132 8.89 28.36 -4.44
N VAL B 133 7.75 27.83 -4.03
CA VAL B 133 7.19 26.62 -4.63
C VAL B 133 5.77 26.86 -5.13
N SER B 134 5.52 26.47 -6.37
CA SER B 134 4.19 26.57 -6.94
C SER B 134 3.41 25.27 -6.69
N LEU B 135 2.11 25.39 -6.45
CA LEU B 135 1.26 24.23 -6.14
C LEU B 135 0.10 24.05 -7.15
N LYS B 136 -0.02 22.84 -7.71
CA LYS B 136 -1.24 22.49 -8.43
C LYS B 136 -2.41 22.74 -7.47
N GLU B 137 -3.50 23.25 -8.01
CA GLU B 137 -4.63 23.73 -7.22
C GLU B 137 -5.20 22.73 -6.20
N CYS B 138 -4.97 21.43 -6.42
CA CYS B 138 -5.54 20.38 -5.56
C CYS B 138 -4.77 20.19 -4.24
N PHE B 139 -3.59 20.79 -4.12
CA PHE B 139 -2.83 20.76 -2.87
C PHE B 139 -3.43 21.72 -1.86
N SER B 140 -4.27 21.18 -0.97
CA SER B 140 -5.08 22.01 -0.08
C SER B 140 -4.18 23.00 0.67
N TYR B 141 -4.64 24.24 0.75
CA TYR B 141 -3.86 25.30 1.37
C TYR B 141 -4.83 26.14 2.20
N LYS B 142 -4.58 26.21 3.49
CA LYS B 142 -5.54 26.84 4.41
C LYS B 142 -6.02 28.21 3.91
N GLY B 143 -7.33 28.42 3.90
CA GLY B 143 -7.92 29.69 3.51
C GLY B 143 -8.28 29.80 2.04
N HIS B 144 -7.94 28.79 1.24
CA HIS B 144 -8.06 28.85 -0.21
C HIS B 144 -8.89 27.72 -0.76
N ASP B 145 -9.68 28.02 -1.79
CA ASP B 145 -10.39 27.01 -2.56
C ASP B 145 -9.43 26.04 -3.21
N SER B 146 -9.88 24.80 -3.36
CA SER B 146 -9.30 23.92 -4.36
C SER B 146 -10.48 23.51 -5.23
N THR B 147 -10.78 24.34 -6.22
CA THR B 147 -11.98 24.17 -7.01
C THR B 147 -11.91 22.96 -7.94
N LEU B 148 -10.71 22.66 -8.43
CA LEU B 148 -10.55 21.71 -9.53
C LEU B 148 -11.34 22.18 -10.78
N GLY B 149 -11.63 23.47 -10.86
CA GLY B 149 -12.41 23.98 -11.97
C GLY B 149 -13.90 23.64 -11.90
N LEU B 150 -14.37 23.17 -10.74
CA LEU B 150 -15.78 22.75 -10.56
C LEU B 150 -16.55 23.74 -9.68
N SER B 151 -17.70 24.18 -10.17
CA SER B 151 -18.60 25.03 -9.41
C SER B 151 -18.88 24.55 -7.99
N LEU B 152 -19.12 23.25 -7.79
CA LEU B 152 -19.45 22.79 -6.43
C LEU B 152 -18.31 22.97 -5.43
N ASN B 153 -17.10 23.24 -5.91
CA ASN B 153 -16.00 23.44 -4.98
C ASN B 153 -15.69 24.92 -4.82
N GLU B 154 -16.39 25.77 -5.55
CA GLU B 154 -16.06 27.20 -5.49
C GLU B 154 -16.60 27.83 -4.20
N GLY B 155 -15.81 28.67 -3.54
CA GLY B 155 -16.24 29.33 -2.31
C GLY B 155 -16.32 28.35 -1.15
N MET B 156 -15.45 27.32 -1.15
CA MET B 156 -15.36 26.35 -0.05
C MET B 156 -13.89 26.13 0.33
N PRO B 157 -13.31 27.09 1.05
CA PRO B 157 -11.86 27.09 1.27
C PRO B 157 -11.40 25.95 2.17
N SER B 158 -10.22 25.41 1.91
CA SER B 158 -9.62 24.45 2.83
C SER B 158 -9.40 25.04 4.20
N GLU B 159 -9.51 24.20 5.20
CA GLU B 159 -9.30 24.61 6.57
C GLU B 159 -7.95 24.17 7.13
N SER B 160 -7.18 23.43 6.32
CA SER B 160 -5.79 23.18 6.67
C SER B 160 -4.89 22.89 5.48
N ASP B 161 -3.60 23.19 5.63
CA ASP B 161 -2.61 22.75 4.67
C ASP B 161 -2.63 21.21 4.53
N CYS B 162 -2.53 20.70 3.32
CA CYS B 162 -2.30 19.25 3.20
C CYS B 162 -0.92 18.92 3.80
N VAL B 163 -0.66 17.64 4.04
CA VAL B 163 0.58 17.23 4.71
C VAL B 163 1.85 17.66 3.92
N VAL B 164 1.88 17.47 2.61
CA VAL B 164 3.10 17.87 1.88
C VAL B 164 3.34 19.37 1.90
N VAL B 165 2.29 20.18 1.86
CA VAL B 165 2.47 21.61 2.06
C VAL B 165 3.08 21.90 3.46
N GLN B 166 2.58 21.24 4.51
CA GLN B 166 3.16 21.37 5.84
C GLN B 166 4.66 21.06 5.85
N VAL B 167 5.02 19.92 5.27
CA VAL B 167 6.41 19.51 5.15
C VAL B 167 7.26 20.48 4.31
N LEU B 168 6.74 20.94 3.18
CA LEU B 168 7.44 21.99 2.43
C LEU B 168 7.74 23.19 3.36
N LYS B 169 6.73 23.66 4.08
CA LYS B 169 6.93 24.82 4.96
C LYS B 169 7.91 24.52 6.10
N LEU B 170 7.84 23.31 6.65
CA LEU B 170 8.74 22.93 7.73
C LEU B 170 10.18 22.81 7.19
N GLN B 171 10.34 22.65 5.89
CA GLN B 171 11.66 22.63 5.25
C GLN B 171 12.09 24.01 4.74
N GLY B 172 11.34 25.05 5.12
CA GLY B 172 11.74 26.42 4.80
C GLY B 172 11.32 26.91 3.43
N ALA B 173 10.56 26.10 2.72
CA ALA B 173 10.09 26.50 1.39
C ALA B 173 8.92 27.48 1.56
N VAL B 174 8.62 28.26 0.52
CA VAL B 174 7.53 29.22 0.57
C VAL B 174 6.53 28.94 -0.57
N PRO B 175 5.51 28.10 -0.32
CA PRO B 175 4.52 27.90 -1.39
C PRO B 175 3.84 29.25 -1.68
N PHE B 176 3.67 29.63 -2.94
CA PHE B 176 3.21 31.00 -3.20
C PHE B 176 2.02 31.16 -4.17
N VAL B 177 1.71 30.12 -4.96
CA VAL B 177 0.59 30.18 -5.90
C VAL B 177 -0.02 28.81 -6.10
N HIS B 178 -1.33 28.80 -6.38
CA HIS B 178 -2.05 27.65 -6.89
C HIS B 178 -2.10 27.84 -8.39
N THR B 179 -1.86 26.76 -9.13
CA THR B 179 -1.89 26.80 -10.58
C THR B 179 -3.07 25.98 -11.12
N ASN B 180 -3.49 26.37 -12.33
CA ASN B 180 -4.68 25.87 -13.01
C ASN B 180 -4.60 24.39 -13.40
N VAL B 181 -5.78 23.78 -13.54
CA VAL B 181 -5.94 22.38 -13.94
C VAL B 181 -7.14 22.28 -14.89
N PRO B 182 -7.22 21.24 -15.71
CA PRO B 182 -8.49 21.07 -16.43
C PRO B 182 -9.60 20.70 -15.46
N GLN B 183 -10.83 21.08 -15.79
CA GLN B 183 -11.97 20.81 -14.94
C GLN B 183 -12.03 19.33 -14.48
N SER B 184 -12.00 19.14 -13.15
CA SER B 184 -12.04 17.85 -12.43
C SER B 184 -10.68 17.11 -12.36
N MET B 185 -9.72 17.56 -13.16
CA MET B 185 -8.38 16.95 -13.28
C MET B 185 -8.30 15.67 -14.14
N PHE B 186 -9.45 15.12 -14.54
CA PHE B 186 -9.45 13.90 -15.35
C PHE B 186 -9.23 14.23 -16.84
N SER B 187 -8.07 14.80 -17.14
CA SER B 187 -7.82 15.31 -18.48
C SER B 187 -6.32 15.56 -18.61
N TYR B 188 -5.78 15.48 -19.84
CA TYR B 188 -4.42 15.95 -20.04
C TYR B 188 -4.34 17.26 -20.83
N ASP B 189 -5.47 17.98 -20.83
CA ASP B 189 -5.48 19.37 -21.28
C ASP B 189 -5.54 20.25 -20.02
N CYS B 190 -5.95 21.51 -20.17
CA CYS B 190 -5.89 22.42 -19.04
C CYS B 190 -6.84 23.61 -19.10
N SER B 191 -8.12 23.32 -19.28
CA SER B 191 -9.12 24.36 -19.25
C SER B 191 -10.25 23.99 -18.31
N ASN B 192 -10.81 24.99 -17.64
CA ASN B 192 -12.04 24.78 -16.87
C ASN B 192 -12.91 26.05 -16.96
N PRO B 193 -14.21 25.92 -16.65
CA PRO B 193 -15.11 27.08 -16.81
C PRO B 193 -14.90 28.21 -15.77
N LEU B 194 -14.15 27.94 -14.70
CA LEU B 194 -13.92 28.95 -13.65
C LEU B 194 -12.81 29.94 -14.03
N PHE B 195 -11.60 29.42 -14.24
CA PHE B 195 -10.43 30.23 -14.57
C PHE B 195 -10.12 30.23 -16.05
N GLY B 196 -10.82 29.41 -16.83
CA GLY B 196 -10.55 29.40 -18.26
C GLY B 196 -9.36 28.54 -18.62
N GLN B 197 -8.69 28.94 -19.70
CA GLN B 197 -7.82 28.05 -20.42
C GLN B 197 -6.34 28.43 -20.20
N THR B 198 -5.50 27.45 -19.89
CA THR B 198 -4.05 27.63 -19.75
C THR B 198 -3.39 27.29 -21.08
N MET B 199 -2.40 28.08 -21.49
CA MET B 199 -1.78 27.91 -22.78
C MET B 199 -0.34 27.51 -22.62
N ASN B 200 0.16 26.69 -23.54
CA ASN B 200 1.56 26.27 -23.51
C ASN B 200 2.43 27.51 -23.67
N PRO B 201 3.43 27.70 -22.80
CA PRO B 201 4.27 28.89 -22.95
C PRO B 201 5.13 28.90 -24.24
N TRP B 202 5.28 27.78 -24.93
CA TRP B 202 6.11 27.79 -26.14
C TRP B 202 5.29 28.24 -27.33
N LYS B 203 3.97 28.09 -27.23
CA LYS B 203 3.11 28.34 -28.38
C LYS B 203 1.67 28.36 -27.92
N SER B 204 1.06 29.53 -28.08
CA SER B 204 -0.23 29.79 -27.46
C SER B 204 -1.39 28.96 -28.02
N SER B 205 -1.25 28.44 -29.24
CA SER B 205 -2.27 27.52 -29.76
C SER B 205 -2.19 26.08 -29.19
N LYS B 206 -1.17 25.80 -28.37
CA LYS B 206 -0.94 24.46 -27.84
C LYS B 206 -1.38 24.30 -26.39
N SER B 207 -1.84 23.10 -26.06
CA SER B 207 -2.08 22.71 -24.67
C SER B 207 -0.77 22.68 -23.93
N PRO B 208 -0.77 23.12 -22.66
CA PRO B 208 0.41 22.93 -21.81
C PRO B 208 0.46 21.51 -21.26
N GLY B 209 -0.52 20.68 -21.66
CA GLY B 209 -0.71 19.37 -21.06
C GLY B 209 -1.44 19.48 -19.75
N GLY B 210 -1.57 18.37 -19.02
CA GLY B 210 -2.17 18.38 -17.70
C GLY B 210 -2.37 16.96 -17.20
N SER B 211 -3.11 16.79 -16.11
CA SER B 211 -3.83 17.88 -15.44
C SER B 211 -2.97 18.89 -14.68
N SER B 212 -1.68 18.60 -14.50
CA SER B 212 -0.81 19.55 -13.78
C SER B 212 -0.30 20.63 -14.74
N GLY B 213 -1.20 21.22 -15.54
CA GLY B 213 -0.80 22.04 -16.68
C GLY B 213 -0.34 23.46 -16.33
N GLY B 214 -1.01 24.08 -15.35
CA GLY B 214 -0.54 25.34 -14.80
C GLY B 214 0.90 25.24 -14.29
N GLU B 215 1.23 24.18 -13.56
CA GLU B 215 2.63 23.93 -13.14
C GLU B 215 3.61 23.84 -14.31
N GLY B 216 3.24 23.09 -15.34
CA GLY B 216 4.12 22.94 -16.49
C GLY B 216 4.35 24.26 -17.19
N ALA B 217 3.30 25.05 -17.32
CA ALA B 217 3.38 26.32 -18.03
C ALA B 217 4.15 27.32 -17.20
N LEU B 218 3.91 27.34 -15.88
CA LEU B 218 4.61 28.28 -15.01
C LEU B 218 6.10 27.94 -14.84
N ILE B 219 6.41 26.68 -14.55
CA ILE B 219 7.79 26.29 -14.39
C ILE B 219 8.52 26.37 -15.73
N GLY B 220 7.83 25.97 -16.79
CA GLY B 220 8.45 25.90 -18.10
C GLY B 220 8.71 27.29 -18.70
N SER B 221 8.09 28.32 -18.15
CA SER B 221 8.41 29.65 -18.62
C SER B 221 9.27 30.40 -17.62
N GLY B 222 9.76 29.68 -16.61
CA GLY B 222 10.71 30.27 -15.67
C GLY B 222 10.07 31.00 -14.50
N GLY B 223 8.76 30.82 -14.32
CA GLY B 223 8.04 31.50 -13.25
C GLY B 223 8.07 30.86 -11.88
N SER B 224 8.68 29.67 -11.79
CA SER B 224 8.79 28.92 -10.54
C SER B 224 9.92 27.88 -10.66
N PRO B 225 10.79 27.81 -9.65
CA PRO B 225 11.89 26.86 -9.65
C PRO B 225 11.47 25.42 -9.32
N LEU B 226 10.29 25.25 -8.75
CA LEU B 226 9.85 23.94 -8.24
C LEU B 226 8.35 23.90 -7.97
N GLY B 227 7.69 22.82 -8.37
CA GLY B 227 6.30 22.63 -8.02
C GLY B 227 5.89 21.20 -7.72
N LEU B 228 4.65 21.04 -7.23
CA LEU B 228 4.09 19.70 -7.01
C LEU B 228 2.88 19.45 -7.90
N GLY B 229 2.86 18.30 -8.55
CA GLY B 229 1.69 17.89 -9.29
C GLY B 229 1.16 16.56 -8.80
N THR B 230 0.07 16.10 -9.42
CA THR B 230 -0.45 14.76 -9.18
C THR B 230 -0.63 14.03 -10.51
N ASP B 231 -0.80 12.72 -10.46
CA ASP B 231 -0.72 11.91 -11.67
C ASP B 231 -1.47 10.59 -11.43
N ILE B 232 -2.53 10.36 -12.21
CA ILE B 232 -3.24 9.07 -12.20
C ILE B 232 -3.17 8.36 -13.55
N GLY B 233 -2.84 9.11 -14.61
CA GLY B 233 -2.67 8.54 -15.92
C GLY B 233 -1.62 9.25 -16.76
N GLY B 234 -0.79 10.07 -16.12
CA GLY B 234 0.21 10.90 -16.78
C GLY B 234 0.27 12.37 -16.36
N SER B 235 -0.60 12.79 -15.44
CA SER B 235 -0.81 14.22 -15.16
C SER B 235 0.38 15.03 -14.62
N ILE B 236 1.46 14.37 -14.21
CA ILE B 236 2.73 15.03 -13.94
C ILE B 236 3.57 15.04 -15.23
N ARG B 237 3.50 13.93 -15.96
CA ARG B 237 4.37 13.70 -17.10
C ARG B 237 3.95 14.44 -18.40
N PHE B 238 2.65 14.51 -18.67
CA PHE B 238 2.17 15.25 -19.83
C PHE B 238 2.64 16.69 -19.77
N PRO B 239 2.28 17.42 -18.69
CA PRO B 239 2.62 18.86 -18.73
C PRO B 239 4.13 19.06 -18.68
N SER B 240 4.84 18.15 -18.02
CA SER B 240 6.29 18.23 -18.02
C SER B 240 6.88 18.11 -19.42
N ALA B 241 6.45 17.08 -20.16
CA ALA B 241 6.91 16.85 -21.51
C ALA B 241 6.48 18.00 -22.45
N PHE B 242 5.20 18.37 -22.40
CA PHE B 242 4.66 19.34 -23.33
C PHE B 242 5.31 20.73 -23.16
N CYS B 243 5.74 21.03 -21.94
CA CYS B 243 6.29 22.35 -21.61
C CYS B 243 7.80 22.35 -21.45
N GLY B 244 8.45 21.19 -21.57
CA GLY B 244 9.90 21.17 -21.60
C GLY B 244 10.60 21.20 -20.26
N ILE B 245 10.02 20.53 -19.25
CA ILE B 245 10.64 20.51 -17.92
C ILE B 245 10.70 19.07 -17.42
N CYS B 246 11.29 18.86 -16.23
CA CYS B 246 11.44 17.50 -15.70
C CYS B 246 10.35 17.27 -14.70
N GLY B 247 9.85 16.05 -14.63
CA GLY B 247 8.79 15.73 -13.69
C GLY B 247 8.93 14.29 -13.24
N LEU B 248 8.57 13.97 -11.98
CA LEU B 248 8.63 12.59 -11.51
C LEU B 248 7.33 12.12 -10.87
N LYS B 249 6.79 11.02 -11.35
CA LYS B 249 5.68 10.35 -10.67
C LYS B 249 6.22 9.17 -9.87
N PRO B 250 6.38 9.35 -8.56
CA PRO B 250 6.86 8.23 -7.74
C PRO B 250 5.82 7.11 -7.61
N THR B 251 6.24 6.02 -6.98
CA THR B 251 5.33 4.99 -6.53
C THR B 251 4.18 5.70 -5.77
N GLY B 252 2.95 5.21 -5.90
CA GLY B 252 1.78 5.87 -5.33
C GLY B 252 1.91 6.29 -3.87
N ASN B 253 2.44 5.40 -3.04
CA ASN B 253 2.49 5.70 -1.61
C ASN B 253 3.92 6.10 -1.09
N ARG B 254 4.81 6.57 -1.99
CA ARG B 254 6.12 7.10 -1.54
C ARG B 254 5.95 8.43 -0.80
N LEU B 255 4.94 9.21 -1.21
CA LEU B 255 4.67 10.54 -0.66
C LEU B 255 3.23 10.56 -0.13
N SER B 256 2.95 11.41 0.84
CA SER B 256 1.63 11.51 1.49
C SER B 256 0.59 12.25 0.63
N LYS B 257 -0.56 11.63 0.41
CA LYS B 257 -1.69 12.25 -0.25
C LYS B 257 -2.67 12.83 0.79
N SER B 258 -2.27 12.80 2.05
CA SER B 258 -3.18 13.21 3.10
C SER B 258 -3.50 14.70 2.99
N GLY B 259 -4.80 15.03 2.99
CA GLY B 259 -5.28 16.40 2.82
C GLY B 259 -5.42 16.94 1.40
N LEU B 260 -5.06 16.16 0.38
CA LEU B 260 -5.26 16.58 -1.02
C LEU B 260 -6.75 16.70 -1.33
N LYS B 261 -7.09 17.62 -2.23
CA LYS B 261 -8.46 17.74 -2.73
C LYS B 261 -8.63 16.83 -3.94
N GLY B 262 -9.70 16.06 -3.93
CA GLY B 262 -9.92 15.09 -4.99
C GLY B 262 -11.33 15.20 -5.54
N CYS B 263 -11.66 14.32 -6.49
CA CYS B 263 -13.01 14.31 -7.04
C CYS B 263 -13.55 12.89 -7.08
N VAL B 264 -12.68 11.91 -6.89
CA VAL B 264 -13.10 10.52 -6.77
C VAL B 264 -12.36 9.90 -5.59
N TYR B 265 -13.11 9.34 -4.67
CA TYR B 265 -12.57 8.86 -3.44
C TYR B 265 -12.76 7.36 -3.30
N GLY B 266 -11.74 6.68 -2.77
CA GLY B 266 -11.83 5.26 -2.49
C GLY B 266 -11.47 4.32 -3.65
N GLN B 267 -11.07 4.88 -4.78
CA GLN B 267 -10.66 4.07 -5.93
C GLN B 267 -9.20 3.70 -5.72
N THR B 268 -8.89 2.42 -5.52
CA THR B 268 -7.50 2.05 -5.23
C THR B 268 -6.84 1.11 -6.23
N ALA B 269 -7.60 0.65 -7.21
CA ALA B 269 -7.06 -0.21 -8.28
C ALA B 269 -5.92 0.47 -9.04
N VAL B 270 -6.16 1.69 -9.52
CA VAL B 270 -5.14 2.43 -10.26
C VAL B 270 -4.69 3.58 -9.39
N GLN B 271 -3.40 3.55 -9.08
CA GLN B 271 -2.77 4.38 -8.06
C GLN B 271 -2.52 5.84 -8.42
N LEU B 272 -3.12 6.75 -7.64
CA LEU B 272 -2.81 8.19 -7.73
C LEU B 272 -1.48 8.51 -7.07
N SER B 273 -0.64 9.27 -7.76
CA SER B 273 0.62 9.65 -7.16
C SER B 273 0.87 11.17 -7.15
N LEU B 274 1.58 11.67 -6.15
CA LEU B 274 2.00 13.06 -6.20
C LEU B 274 3.52 13.21 -6.34
N GLY B 275 3.98 14.27 -6.99
CA GLY B 275 5.41 14.37 -7.21
C GLY B 275 5.89 15.72 -7.68
N PRO B 276 7.21 15.89 -7.75
CA PRO B 276 7.83 17.17 -8.12
C PRO B 276 7.94 17.41 -9.63
N MET B 277 7.88 18.68 -10.01
CA MET B 277 8.12 19.14 -11.37
C MET B 277 9.13 20.29 -11.27
N ALA B 278 10.05 20.42 -12.22
CA ALA B 278 11.13 21.42 -12.08
C ALA B 278 11.99 21.52 -13.34
N ARG B 279 12.91 22.48 -13.37
CA ARG B 279 13.70 22.68 -14.58
C ARG B 279 14.80 21.63 -14.83
N ASP B 280 15.16 20.87 -13.81
CA ASP B 280 16.22 19.87 -13.98
C ASP B 280 16.06 18.69 -13.02
N VAL B 281 16.75 17.58 -13.29
CA VAL B 281 16.63 16.37 -12.46
C VAL B 281 17.08 16.57 -11.00
N GLU B 282 18.17 17.32 -10.81
CA GLU B 282 18.69 17.59 -9.49
C GLU B 282 17.64 18.24 -8.58
N SER B 283 16.84 19.14 -9.16
CA SER B 283 15.76 19.80 -8.43
C SER B 283 14.71 18.78 -7.93
N LEU B 284 14.38 17.79 -8.76
CA LEU B 284 13.44 16.73 -8.34
C LEU B 284 14.03 15.91 -7.20
N ALA B 285 15.32 15.60 -7.31
CA ALA B 285 16.02 14.85 -6.27
C ALA B 285 16.09 15.65 -4.95
N LEU B 286 16.39 16.94 -5.04
CA LEU B 286 16.37 17.79 -3.84
C LEU B 286 14.99 17.80 -3.18
N CYS B 287 13.94 17.92 -3.99
CA CYS B 287 12.58 18.02 -3.47
C CYS B 287 12.19 16.75 -2.75
N LEU B 288 12.48 15.61 -3.38
CA LEU B 288 12.21 14.32 -2.77
C LEU B 288 13.01 14.16 -1.47
N LYS B 289 14.25 14.64 -1.46
CA LYS B 289 15.08 14.45 -0.29
C LYS B 289 14.53 15.27 0.88
N ALA B 290 14.00 16.44 0.60
CA ALA B 290 13.39 17.32 1.60
C ALA B 290 12.05 16.82 2.10
N LEU B 291 11.24 16.26 1.20
CA LEU B 291 9.93 15.73 1.58
C LEU B 291 10.06 14.45 2.41
N LEU B 292 11.03 13.61 2.06
CA LEU B 292 11.20 12.31 2.71
C LEU B 292 11.95 12.47 4.02
N CYS B 293 11.34 13.19 4.96
CA CYS B 293 11.98 13.45 6.24
C CYS B 293 11.08 13.06 7.37
N GLU B 294 11.61 13.14 8.59
CA GLU B 294 10.83 12.88 9.80
C GLU B 294 9.48 13.59 9.84
N HIS B 295 9.44 14.88 9.45
CA HIS B 295 8.17 15.62 9.44
C HIS B 295 7.11 14.90 8.63
N LEU B 296 7.47 14.46 7.43
CA LEU B 296 6.48 13.79 6.62
C LEU B 296 6.02 12.52 7.30
N PHE B 297 6.97 11.73 7.80
CA PHE B 297 6.69 10.37 8.28
C PHE B 297 5.90 10.36 9.57
N THR B 298 6.08 11.39 10.39
CA THR B 298 5.27 11.52 11.60
C THR B 298 3.92 12.17 11.28
N LEU B 299 3.88 13.12 10.36
CA LEU B 299 2.59 13.74 10.01
C LEU B 299 1.65 12.76 9.30
N ASP B 300 2.19 11.77 8.59
CA ASP B 300 1.38 10.76 7.93
C ASP B 300 2.09 9.42 8.05
N PRO B 301 1.84 8.72 9.16
CA PRO B 301 2.42 7.40 9.45
C PRO B 301 2.01 6.34 8.42
N THR B 302 0.96 6.59 7.61
CA THR B 302 0.61 5.60 6.59
C THR B 302 1.63 5.50 5.43
N VAL B 303 2.55 6.46 5.34
CA VAL B 303 3.61 6.43 4.32
C VAL B 303 4.83 5.69 4.86
N PRO B 304 5.33 4.67 4.14
CA PRO B 304 6.52 3.96 4.63
C PRO B 304 7.67 4.93 4.77
N PRO B 305 8.33 4.91 5.93
CA PRO B 305 9.40 5.88 6.23
C PRO B 305 10.71 5.49 5.51
N LEU B 306 10.69 5.56 4.18
CA LEU B 306 11.87 5.30 3.37
C LEU B 306 12.62 6.61 3.14
N PRO B 307 13.76 6.79 3.80
CA PRO B 307 14.55 7.99 3.56
C PRO B 307 15.11 7.95 2.14
N PHE B 308 15.34 9.11 1.55
CA PHE B 308 15.98 9.20 0.23
C PHE B 308 17.39 8.60 0.28
N ARG B 309 17.65 7.55 -0.49
CA ARG B 309 18.98 6.93 -0.55
C ARG B 309 19.90 7.68 -1.52
N GLU B 310 20.61 8.64 -0.96
CA GLU B 310 21.51 9.52 -1.68
C GLU B 310 22.50 8.74 -2.53
N GLU B 311 23.04 7.67 -1.97
CA GLU B 311 24.08 6.90 -2.63
C GLU B 311 23.53 6.22 -3.89
N VAL B 312 22.30 5.72 -3.85
CA VAL B 312 21.71 5.16 -5.07
C VAL B 312 21.57 6.27 -6.15
N TYR B 313 21.06 7.43 -5.75
CA TYR B 313 20.92 8.54 -6.71
C TYR B 313 22.30 8.94 -7.29
N ARG B 314 23.35 8.91 -6.46
CA ARG B 314 24.67 9.37 -6.88
C ARG B 314 25.50 8.32 -7.63
N SER B 315 25.00 7.10 -7.71
CA SER B 315 25.75 6.02 -8.36
C SER B 315 26.14 6.36 -9.80
N SER B 316 27.32 5.94 -10.22
CA SER B 316 27.72 6.10 -11.61
C SER B 316 28.01 4.75 -12.28
N ARG B 317 27.47 3.66 -11.75
CA ARG B 317 27.69 2.33 -12.32
C ARG B 317 26.92 2.21 -13.62
N PRO B 318 27.43 1.41 -14.57
CA PRO B 318 26.69 1.17 -15.82
C PRO B 318 25.33 0.55 -15.49
N LEU B 319 24.34 0.81 -16.36
CA LEU B 319 22.97 0.39 -16.16
C LEU B 319 22.55 -0.59 -17.24
N ARG B 320 21.71 -1.55 -16.87
CA ARG B 320 21.02 -2.35 -17.87
C ARG B 320 19.69 -1.64 -18.12
N VAL B 321 19.53 -1.07 -19.31
CA VAL B 321 18.37 -0.26 -19.64
C VAL B 321 17.52 -0.99 -20.65
N GLY B 322 16.33 -1.41 -20.23
CA GLY B 322 15.37 -1.97 -21.15
C GLY B 322 14.86 -0.81 -21.97
N TYR B 323 14.38 -1.04 -23.19
CA TYR B 323 13.82 0.09 -23.94
C TYR B 323 12.77 -0.41 -24.92
N TYR B 324 11.85 0.48 -25.26
CA TYR B 324 11.03 0.28 -26.45
C TYR B 324 10.78 1.60 -27.13
N GLU B 325 10.61 1.56 -28.44
CA GLU B 325 10.38 2.79 -29.16
C GLU B 325 9.01 3.00 -29.63
N THR B 326 8.17 1.99 -29.41
CA THR B 326 6.73 2.12 -29.55
C THR B 326 6.05 1.13 -28.62
N ASP B 327 4.83 1.44 -28.16
CA ASP B 327 4.07 0.47 -27.34
C ASP B 327 3.02 -0.26 -28.15
N ASN B 328 3.07 -0.06 -29.48
CA ASN B 328 2.13 -0.69 -30.42
C ASN B 328 0.66 -0.34 -30.18
N TYR B 329 0.44 0.74 -29.44
CA TYR B 329 -0.91 1.13 -29.10
C TYR B 329 -1.12 2.54 -29.61
N THR B 330 -0.29 3.46 -29.11
CA THR B 330 -0.19 4.80 -29.68
C THR B 330 1.04 4.94 -30.57
N MET B 331 0.82 5.05 -31.89
CA MET B 331 1.94 5.30 -32.79
C MET B 331 2.73 6.55 -32.34
N PRO B 332 4.04 6.39 -32.06
CA PRO B 332 4.75 7.61 -31.63
C PRO B 332 4.84 8.61 -32.78
N SER B 333 4.94 9.89 -32.44
CA SER B 333 5.18 10.90 -33.48
C SER B 333 6.60 10.73 -33.97
N PRO B 334 6.91 11.26 -35.16
CA PRO B 334 8.31 11.16 -35.57
C PRO B 334 9.27 11.81 -34.56
N ALA B 335 8.91 12.93 -33.93
CA ALA B 335 9.81 13.51 -32.93
C ALA B 335 9.98 12.61 -31.67
N MET B 336 8.90 12.01 -31.20
CA MET B 336 8.97 11.07 -30.09
C MET B 336 9.95 9.95 -30.40
N ARG B 337 9.81 9.39 -31.61
CA ARG B 337 10.66 8.30 -32.08
C ARG B 337 12.09 8.54 -32.14
N ARG B 338 12.40 9.69 -32.72
CA ARG B 338 13.78 10.13 -32.82
C ARG B 338 14.36 10.43 -31.43
N ALA B 339 13.60 11.13 -30.61
CA ALA B 339 14.04 11.44 -29.24
C ALA B 339 14.45 10.14 -28.51
N LEU B 340 13.62 9.12 -28.64
CA LEU B 340 13.87 7.84 -27.98
C LEU B 340 15.14 7.19 -28.53
N ILE B 341 15.26 7.12 -29.84
CA ILE B 341 16.41 6.46 -30.47
C ILE B 341 17.75 7.17 -30.23
N GLU B 342 17.75 8.49 -30.33
CA GLU B 342 18.95 9.27 -30.00
C GLU B 342 19.39 9.05 -28.55
N THR B 343 18.42 9.01 -27.64
CA THR B 343 18.73 8.85 -26.21
C THR B 343 19.30 7.45 -26.02
N LYS B 344 18.62 6.45 -26.60
CA LYS B 344 19.16 5.09 -26.67
C LYS B 344 20.64 5.05 -27.15
N GLN B 345 20.95 5.78 -28.21
CA GLN B 345 22.28 5.71 -28.80
C GLN B 345 23.34 6.37 -27.90
N ARG B 346 22.98 7.46 -27.22
CA ARG B 346 23.90 8.13 -26.31
C ARG B 346 24.16 7.31 -25.06
N LEU B 347 23.14 6.58 -24.59
CA LEU B 347 23.31 5.67 -23.46
C LEU B 347 24.25 4.53 -23.85
N GLU B 348 24.07 3.98 -25.05
CA GLU B 348 24.98 2.95 -25.54
C GLU B 348 26.39 3.48 -25.60
N ALA B 349 26.55 4.70 -26.11
CA ALA B 349 27.88 5.28 -26.25
C ALA B 349 28.53 5.55 -24.88
N ALA B 350 27.71 5.66 -23.83
CA ALA B 350 28.28 5.95 -22.53
C ALA B 350 28.52 4.66 -21.71
N GLY B 351 28.37 3.52 -22.37
CA GLY B 351 28.67 2.24 -21.76
C GLY B 351 27.51 1.53 -21.08
N HIS B 352 26.29 2.03 -21.22
CA HIS B 352 25.17 1.27 -20.68
C HIS B 352 24.73 0.15 -21.61
N THR B 353 24.01 -0.81 -21.05
CA THR B 353 23.55 -1.93 -21.83
C THR B 353 22.09 -1.74 -22.21
N LEU B 354 21.81 -1.61 -23.50
CA LEU B 354 20.45 -1.35 -23.97
C LEU B 354 19.76 -2.62 -24.43
N ILE B 355 18.65 -2.97 -23.79
CA ILE B 355 18.00 -4.24 -24.00
C ILE B 355 16.54 -4.06 -24.41
N PRO B 356 16.14 -4.63 -25.55
CA PRO B 356 14.73 -4.47 -25.96
C PRO B 356 13.79 -5.12 -24.93
N PHE B 357 12.73 -4.41 -24.59
CA PHE B 357 11.82 -4.82 -23.54
C PHE B 357 10.50 -4.17 -23.81
N LEU B 358 9.43 -4.95 -23.73
CA LEU B 358 8.08 -4.41 -23.75
C LEU B 358 7.22 -5.12 -22.73
N PRO B 359 6.61 -4.38 -21.78
CA PRO B 359 5.70 -5.06 -20.86
C PRO B 359 4.65 -5.83 -21.63
N ASN B 360 4.33 -7.04 -21.16
CA ASN B 360 3.39 -7.90 -21.84
C ASN B 360 1.96 -7.32 -21.83
N ASN B 361 1.11 -7.79 -22.75
CA ASN B 361 -0.33 -7.49 -22.71
C ASN B 361 -0.74 -6.02 -22.46
N ILE B 362 -0.10 -5.10 -23.14
CA ILE B 362 -0.41 -3.69 -22.95
C ILE B 362 -1.88 -3.35 -23.24
N PRO B 363 -2.45 -3.87 -24.34
CA PRO B 363 -3.84 -3.53 -24.65
C PRO B 363 -4.80 -3.94 -23.53
N TYR B 364 -4.60 -5.14 -22.98
CA TYR B 364 -5.31 -5.59 -21.78
C TYR B 364 -5.08 -4.66 -20.58
N ALA B 365 -3.83 -4.28 -20.31
CA ALA B 365 -3.53 -3.44 -19.14
C ALA B 365 -4.21 -2.10 -19.25
N LEU B 366 -4.28 -1.57 -20.47
CA LEU B 366 -4.89 -0.28 -20.71
C LEU B 366 -6.40 -0.36 -20.73
N GLU B 367 -6.93 -1.29 -21.50
CA GLU B 367 -8.37 -1.33 -21.75
C GLU B 367 -9.17 -2.02 -20.63
N VAL B 368 -8.68 -3.12 -20.10
CA VAL B 368 -9.41 -3.82 -19.04
C VAL B 368 -9.03 -3.30 -17.65
N LEU B 369 -7.74 -3.34 -17.32
CA LEU B 369 -7.28 -3.03 -15.96
C LEU B 369 -7.28 -1.54 -15.66
N SER B 370 -6.65 -0.74 -16.49
CA SER B 370 -6.53 0.68 -16.15
C SER B 370 -7.88 1.39 -16.27
N THR B 371 -8.50 1.30 -17.44
CA THR B 371 -9.81 1.91 -17.67
C THR B 371 -10.87 1.33 -16.71
N GLY B 372 -10.92 0.00 -16.59
CA GLY B 372 -11.88 -0.62 -15.67
C GLY B 372 -11.62 -0.22 -14.23
N GLY B 373 -10.35 -0.01 -13.88
CA GLY B 373 -9.98 0.45 -12.55
C GLY B 373 -10.45 1.87 -12.27
N LEU B 374 -10.11 2.79 -13.16
CA LEU B 374 -10.56 4.18 -13.05
C LEU B 374 -12.08 4.34 -13.11
N PHE B 375 -12.76 3.43 -13.81
CA PHE B 375 -14.19 3.57 -14.07
C PHE B 375 -15.06 2.40 -13.60
N SER B 376 -14.66 1.75 -12.50
CA SER B 376 -15.31 0.51 -12.05
C SER B 376 -16.80 0.71 -11.77
N ASP B 377 -17.17 1.93 -11.36
CA ASP B 377 -18.54 2.23 -11.01
C ASP B 377 -19.26 2.92 -12.15
N GLY B 378 -18.72 2.80 -13.36
CA GLY B 378 -19.36 3.36 -14.54
C GLY B 378 -19.25 4.88 -14.63
N GLY B 379 -18.45 5.48 -13.77
CA GLY B 379 -18.29 6.93 -13.80
C GLY B 379 -19.26 7.69 -12.90
N ARG B 380 -20.09 6.97 -12.15
CA ARG B 380 -21.13 7.59 -11.33
C ARG B 380 -20.60 8.54 -10.26
N SER B 381 -19.59 8.11 -9.51
CA SER B 381 -18.96 8.97 -8.50
C SER B 381 -18.34 10.22 -9.14
N PHE B 382 -17.60 10.01 -10.22
CA PHE B 382 -17.01 11.10 -10.97
C PHE B 382 -18.12 12.08 -11.39
N LEU B 383 -19.24 11.55 -11.88
CA LEU B 383 -20.27 12.40 -12.47
C LEU B 383 -20.94 13.33 -11.46
N GLN B 384 -20.99 12.92 -10.20
CA GLN B 384 -21.58 13.75 -9.18
C GLN B 384 -20.95 15.14 -9.16
N ASN B 385 -19.64 15.24 -9.40
CA ASN B 385 -18.95 16.52 -9.45
C ASN B 385 -19.54 17.51 -10.49
N PHE B 386 -20.23 17.01 -11.51
CA PHE B 386 -20.68 17.86 -12.62
C PHE B 386 -22.14 18.25 -12.58
N LYS B 387 -22.85 17.76 -11.59
CA LYS B 387 -24.27 18.10 -11.44
C LYS B 387 -24.44 19.61 -11.34
N GLY B 388 -25.16 20.20 -12.30
CA GLY B 388 -25.42 21.63 -12.29
C GLY B 388 -24.32 22.47 -12.91
N ASP B 389 -23.26 21.83 -13.40
CA ASP B 389 -22.11 22.58 -13.90
C ASP B 389 -22.01 22.58 -15.42
N PHE B 390 -21.37 23.59 -15.98
CA PHE B 390 -20.92 23.55 -17.37
C PHE B 390 -19.91 22.44 -17.46
N VAL B 391 -19.84 21.81 -18.63
CA VAL B 391 -18.76 20.86 -18.92
C VAL B 391 -17.79 21.55 -19.89
N ASP B 392 -16.54 21.73 -19.44
CA ASP B 392 -15.55 22.39 -20.29
C ASP B 392 -15.41 21.65 -21.62
N PRO B 393 -15.37 22.39 -22.74
CA PRO B 393 -15.12 21.73 -24.03
C PRO B 393 -13.84 20.85 -24.03
N CYS B 394 -12.85 21.14 -23.20
CA CYS B 394 -11.59 20.36 -23.28
C CYS B 394 -11.77 18.91 -22.75
N LEU B 395 -12.88 18.64 -22.07
CA LEU B 395 -13.24 17.27 -21.67
C LEU B 395 -13.84 16.46 -22.84
N GLY B 396 -14.11 17.13 -23.95
CA GLY B 396 -14.70 16.45 -25.09
C GLY B 396 -16.00 15.79 -24.68
N ASP B 397 -16.21 14.55 -25.10
CA ASP B 397 -17.48 13.87 -24.87
C ASP B 397 -17.44 12.94 -23.65
N LEU B 398 -16.37 13.00 -22.85
CA LEU B 398 -16.24 12.11 -21.70
C LEU B 398 -17.51 12.06 -20.80
N ILE B 399 -18.04 13.21 -20.43
CA ILE B 399 -19.16 13.29 -19.52
C ILE B 399 -20.43 12.74 -20.18
N LEU B 400 -20.63 13.12 -21.44
CA LEU B 400 -21.78 12.65 -22.21
C LEU B 400 -21.74 11.11 -22.28
N ILE B 401 -20.55 10.57 -22.54
CA ILE B 401 -20.40 9.13 -22.65
C ILE B 401 -20.61 8.39 -21.32
N LEU B 402 -20.03 8.91 -20.25
CA LEU B 402 -20.18 8.27 -18.95
C LEU B 402 -21.62 8.28 -18.49
N ARG B 403 -22.39 9.29 -18.90
CA ARG B 403 -23.79 9.43 -18.50
C ARG B 403 -24.73 8.35 -19.08
N LEU B 404 -24.31 7.71 -20.16
CA LEU B 404 -25.10 6.67 -20.83
C LEU B 404 -25.35 5.46 -19.90
N PRO B 405 -26.59 4.93 -19.93
CA PRO B 405 -26.99 3.73 -19.17
C PRO B 405 -26.09 2.55 -19.49
N SER B 406 -25.73 1.70 -18.53
CA SER B 406 -24.82 0.58 -18.79
C SER B 406 -25.24 -0.28 -20.00
N TRP B 407 -26.52 -0.60 -20.09
CA TRP B 407 -27.00 -1.38 -21.23
C TRP B 407 -26.63 -0.72 -22.55
N PHE B 408 -26.74 0.61 -22.62
CA PHE B 408 -26.42 1.32 -23.86
C PHE B 408 -24.91 1.47 -24.17
N LYS B 409 -24.08 1.68 -23.17
CA LYS B 409 -22.65 1.58 -23.38
C LYS B 409 -22.36 0.20 -24.00
N ARG B 410 -22.99 -0.84 -23.43
CA ARG B 410 -22.74 -2.20 -23.89
C ARG B 410 -23.18 -2.43 -25.34
N LEU B 411 -24.35 -1.91 -25.69
CA LEU B 411 -24.85 -2.01 -27.05
C LEU B 411 -23.96 -1.27 -28.05
N LEU B 412 -23.59 -0.06 -27.69
CA LEU B 412 -22.76 0.77 -28.56
C LEU B 412 -21.41 0.10 -28.76
N SER B 413 -20.91 -0.55 -27.70
CA SER B 413 -19.64 -1.29 -27.73
C SER B 413 -19.68 -2.42 -28.74
N LEU B 414 -20.75 -3.22 -28.68
CA LEU B 414 -21.00 -4.23 -29.69
C LEU B 414 -20.99 -3.67 -31.13
N LEU B 415 -21.69 -2.56 -31.37
CA LEU B 415 -21.73 -2.00 -32.73
C LEU B 415 -20.35 -1.55 -33.25
N LEU B 416 -19.56 -0.93 -32.38
CA LEU B 416 -18.25 -0.39 -32.77
C LEU B 416 -17.21 -1.49 -32.93
N LYS B 417 -17.38 -2.60 -32.22
CA LYS B 417 -16.32 -3.61 -32.10
C LYS B 417 -15.64 -4.00 -33.42
N PRO B 418 -16.41 -4.30 -34.48
CA PRO B 418 -15.81 -4.79 -35.73
C PRO B 418 -14.89 -3.79 -36.46
N LEU B 419 -15.26 -2.51 -36.49
CA LEU B 419 -14.42 -1.51 -37.12
C LEU B 419 -13.49 -0.79 -36.14
N PHE B 420 -13.97 -0.53 -34.92
CA PHE B 420 -13.25 0.29 -33.98
C PHE B 420 -13.07 -0.40 -32.62
N PRO B 421 -12.26 -1.46 -32.61
CA PRO B 421 -12.06 -2.31 -31.42
C PRO B 421 -11.61 -1.53 -30.19
N ARG B 422 -10.74 -0.55 -30.37
CA ARG B 422 -10.26 0.24 -29.23
C ARG B 422 -11.40 1.00 -28.55
N LEU B 423 -12.20 1.69 -29.35
CA LEU B 423 -13.27 2.53 -28.83
C LEU B 423 -14.28 1.64 -28.14
N ALA B 424 -14.56 0.49 -28.75
CA ALA B 424 -15.47 -0.50 -28.19
C ALA B 424 -14.93 -1.03 -26.88
N ALA B 425 -13.63 -1.28 -26.82
CA ALA B 425 -13.04 -1.80 -25.59
C ALA B 425 -13.12 -0.78 -24.44
N PHE B 426 -12.78 0.48 -24.72
CA PHE B 426 -12.83 1.50 -23.66
C PHE B 426 -14.27 1.62 -23.15
N LEU B 427 -15.23 1.69 -24.09
CA LEU B 427 -16.63 1.83 -23.76
C LEU B 427 -17.18 0.66 -22.91
N ASN B 428 -16.82 -0.56 -23.26
CA ASN B 428 -17.32 -1.67 -22.50
C ASN B 428 -16.77 -1.66 -21.07
N ASN B 429 -15.53 -1.19 -20.91
CA ASN B 429 -14.84 -1.28 -19.62
C ASN B 429 -15.11 -0.09 -18.72
N MET B 430 -16.00 0.79 -19.16
CA MET B 430 -16.34 1.99 -18.41
C MET B 430 -17.73 1.81 -17.83
N ARG B 431 -18.18 0.56 -17.83
CA ARG B 431 -19.50 0.20 -17.31
C ARG B 431 -19.43 -0.07 -15.80
N PRO B 432 -20.54 0.18 -15.08
CA PRO B 432 -20.51 -0.09 -13.64
C PRO B 432 -20.50 -1.61 -13.39
N ARG B 433 -20.08 -2.03 -12.20
CA ARG B 433 -20.02 -3.46 -11.86
C ARG B 433 -20.16 -3.69 -10.34
N SER B 434 -20.30 -4.95 -9.96
CA SER B 434 -20.41 -5.29 -8.55
C SER B 434 -19.06 -5.27 -7.81
N ALA B 435 -19.11 -5.29 -6.48
CA ALA B 435 -17.90 -5.39 -5.67
C ALA B 435 -17.12 -6.68 -6.00
N GLU B 436 -17.86 -7.74 -6.25
CA GLU B 436 -17.27 -9.00 -6.65
C GLU B 436 -16.41 -8.86 -7.92
N LYS B 437 -16.94 -8.18 -8.93
CA LYS B 437 -16.18 -7.91 -10.16
C LYS B 437 -14.99 -6.98 -9.92
N LEU B 438 -15.13 -6.04 -9.01
CA LEU B 438 -14.00 -5.18 -8.68
C LEU B 438 -12.87 -5.94 -7.98
N TRP B 439 -13.19 -6.81 -7.02
CA TRP B 439 -12.18 -7.71 -6.42
C TRP B 439 -11.42 -8.46 -7.52
N LYS B 440 -12.15 -9.03 -8.46
CA LYS B 440 -11.50 -9.79 -9.53
C LYS B 440 -10.54 -8.90 -10.32
N LEU B 441 -10.99 -7.70 -10.67
CA LEU B 441 -10.12 -6.72 -11.32
C LEU B 441 -8.89 -6.36 -10.47
N GLN B 442 -9.08 -6.10 -9.17
CA GLN B 442 -7.96 -5.79 -8.27
CA GLN B 442 -7.92 -5.78 -8.31
C GLN B 442 -6.95 -6.92 -8.30
N HIS B 443 -7.44 -8.17 -8.30
CA HIS B 443 -6.54 -9.31 -8.27
C HIS B 443 -5.76 -9.41 -9.59
N GLU B 444 -6.44 -9.08 -10.69
CA GLU B 444 -5.79 -9.11 -11.98
C GLU B 444 -4.73 -8.01 -12.07
N ILE B 445 -5.02 -6.86 -11.47
CA ILE B 445 -4.03 -5.81 -11.42
C ILE B 445 -2.78 -6.27 -10.69
N GLU B 446 -2.99 -6.92 -9.55
CA GLU B 446 -1.90 -7.41 -8.73
C GLU B 446 -1.10 -8.45 -9.51
N MET B 447 -1.79 -9.41 -10.15
CA MET B 447 -1.10 -10.42 -10.96
CA MET B 447 -1.11 -10.42 -10.96
C MET B 447 -0.35 -9.82 -12.13
N TYR B 448 -0.93 -8.77 -12.72
CA TYR B 448 -0.31 -8.16 -13.90
C TYR B 448 1.02 -7.49 -13.49
N ARG B 449 0.97 -6.82 -12.35
CA ARG B 449 2.14 -6.14 -11.80
C ARG B 449 3.25 -7.16 -11.54
N GLN B 450 2.90 -8.31 -10.98
CA GLN B 450 3.93 -9.33 -10.75
C GLN B 450 4.45 -9.90 -12.07
N SER B 451 3.60 -9.96 -13.08
CA SER B 451 4.00 -10.51 -14.38
C SER B 451 5.06 -9.63 -15.07
N VAL B 452 4.91 -8.31 -14.99
CA VAL B 452 5.89 -7.39 -15.57
C VAL B 452 7.19 -7.34 -14.75
N ILE B 453 7.04 -7.39 -13.43
CA ILE B 453 8.19 -7.57 -12.54
C ILE B 453 9.01 -8.83 -12.93
N ALA B 454 8.32 -9.95 -13.12
CA ALA B 454 8.97 -11.19 -13.57
C ALA B 454 9.70 -11.04 -14.91
N GLN B 455 9.06 -10.42 -15.90
CA GLN B 455 9.74 -10.13 -17.17
C GLN B 455 11.02 -9.31 -16.95
N TRP B 456 10.92 -8.33 -16.08
CA TRP B 456 12.00 -7.37 -15.88
C TRP B 456 13.18 -8.11 -15.22
N LYS B 457 12.85 -8.89 -14.21
CA LYS B 457 13.80 -9.76 -13.53
C LYS B 457 14.49 -10.71 -14.48
N ALA B 458 13.74 -11.31 -15.40
CA ALA B 458 14.32 -12.31 -16.31
C ALA B 458 15.28 -11.69 -17.33
N MET B 459 15.24 -10.36 -17.46
CA MET B 459 16.22 -9.69 -18.32
C MET B 459 17.21 -8.94 -17.46
N ASN B 460 17.06 -9.08 -16.15
CA ASN B 460 17.96 -8.44 -15.22
C ASN B 460 18.08 -6.93 -15.46
N LEU B 461 16.96 -6.26 -15.74
CA LEU B 461 16.97 -4.82 -15.96
C LEU B 461 17.24 -4.03 -14.69
N ASP B 462 17.88 -2.88 -14.83
CA ASP B 462 17.90 -1.88 -13.76
C ASP B 462 16.77 -0.86 -13.96
N VAL B 463 16.65 -0.36 -15.19
CA VAL B 463 15.68 0.68 -15.50
C VAL B 463 15.07 0.43 -16.87
N LEU B 464 14.07 1.23 -17.20
CA LEU B 464 13.39 1.08 -18.48
C LEU B 464 13.21 2.46 -19.14
N LEU B 465 13.48 2.52 -20.44
CA LEU B 465 13.42 3.76 -21.21
C LEU B 465 12.28 3.65 -22.21
N THR B 466 11.35 4.60 -22.21
CA THR B 466 10.19 4.49 -23.11
C THR B 466 9.95 5.83 -23.79
N PRO B 467 9.18 5.82 -24.90
CA PRO B 467 8.77 7.12 -25.47
C PRO B 467 7.85 7.84 -24.49
N MET B 468 7.83 9.16 -24.58
CA MET B 468 6.86 9.98 -23.86
C MET B 468 6.07 10.76 -24.89
N LEU B 469 4.75 10.82 -24.69
CA LEU B 469 3.87 11.51 -25.62
C LEU B 469 4.31 12.94 -25.84
N GLY B 470 4.45 13.33 -27.12
CA GLY B 470 4.87 14.67 -27.48
C GLY B 470 4.96 14.73 -28.99
N PRO B 471 5.08 15.92 -29.58
CA PRO B 471 5.08 17.26 -28.95
C PRO B 471 3.67 17.62 -28.46
N ALA B 472 3.54 18.76 -27.77
CA ALA B 472 2.24 19.22 -27.26
C ALA B 472 1.17 19.20 -28.34
N LEU B 473 -0.01 18.73 -27.94
CA LEU B 473 -1.21 18.72 -28.76
C LEU B 473 -1.88 20.09 -28.80
N ASP B 474 -2.54 20.39 -29.92
CA ASP B 474 -3.31 21.62 -30.04
C ASP B 474 -4.33 21.71 -28.91
N LEU B 475 -4.69 22.93 -28.54
CA LEU B 475 -5.67 23.13 -27.49
C LEU B 475 -6.97 22.37 -27.82
N ASN B 476 -7.61 21.79 -26.81
CA ASN B 476 -8.94 21.18 -26.99
C ASN B 476 -8.94 19.86 -27.78
N THR B 477 -7.76 19.30 -28.00
CA THR B 477 -7.69 17.97 -28.61
C THR B 477 -7.34 16.79 -27.69
N PRO B 478 -6.59 17.02 -26.59
CA PRO B 478 -6.34 15.84 -25.71
C PRO B 478 -7.62 15.13 -25.28
N GLY B 479 -8.70 15.88 -25.00
CA GLY B 479 -9.96 15.27 -24.59
C GLY B 479 -10.62 14.41 -25.67
N ARG B 480 -10.09 14.51 -26.89
CA ARG B 480 -10.59 13.71 -28.02
C ARG B 480 -9.57 12.67 -28.51
N ALA B 481 -8.48 12.49 -27.76
CA ALA B 481 -7.45 11.51 -28.13
C ALA B 481 -7.03 10.74 -26.90
N THR B 482 -8.01 10.09 -26.28
CA THR B 482 -7.83 9.37 -25.01
C THR B 482 -6.80 8.25 -25.13
N GLY B 483 -6.70 7.68 -26.35
CA GLY B 483 -5.78 6.58 -26.58
C GLY B 483 -4.35 6.92 -26.25
N ALA B 484 -3.99 8.19 -26.45
CA ALA B 484 -2.60 8.64 -26.30
C ALA B 484 -2.08 8.62 -24.85
N VAL B 485 -2.95 8.29 -23.87
CA VAL B 485 -2.52 8.18 -22.48
C VAL B 485 -1.76 6.85 -22.30
N SER B 486 -1.69 6.05 -23.35
CA SER B 486 -1.10 4.70 -23.22
C SER B 486 0.33 4.69 -22.63
N TYR B 487 1.22 5.53 -23.17
CA TYR B 487 2.63 5.56 -22.70
C TYR B 487 2.78 5.79 -21.20
N THR B 488 1.93 6.66 -20.65
CA THR B 488 2.06 7.03 -19.25
C THR B 488 1.18 6.18 -18.31
N MET B 489 -0.09 5.99 -18.68
CA MET B 489 -1.06 5.35 -17.79
C MET B 489 -0.62 3.92 -17.45
N LEU B 490 0.15 3.31 -18.34
CA LEU B 490 0.60 1.95 -18.08
C LEU B 490 1.31 1.88 -16.71
N TYR B 491 1.99 2.95 -16.34
CA TYR B 491 2.81 2.96 -15.15
C TYR B 491 2.02 3.33 -13.90
N ASN B 492 0.82 3.89 -14.07
CA ASN B 492 -0.06 4.08 -12.93
C ASN B 492 -0.69 2.72 -12.63
N CYS B 493 -1.00 1.99 -13.69
CA CYS B 493 -1.58 0.65 -13.56
C CYS B 493 -0.62 -0.26 -12.80
N LEU B 494 0.62 -0.28 -13.26
CA LEU B 494 1.72 -1.02 -12.63
C LEU B 494 2.22 -0.36 -11.35
N ASP B 495 1.87 0.91 -11.16
CA ASP B 495 2.42 1.69 -10.03
C ASP B 495 3.97 1.57 -9.94
N PHE B 496 4.67 1.92 -11.02
CA PHE B 496 6.14 2.03 -10.99
C PHE B 496 6.46 3.52 -10.98
N PRO B 497 7.60 3.91 -10.38
CA PRO B 497 7.99 5.32 -10.51
C PRO B 497 8.37 5.60 -11.96
N ALA B 498 8.00 6.77 -12.47
CA ALA B 498 8.18 7.13 -13.88
C ALA B 498 8.38 8.63 -13.94
N GLY B 499 9.49 9.06 -14.54
CA GLY B 499 9.77 10.48 -14.72
C GLY B 499 10.01 10.78 -16.18
N VAL B 500 9.96 12.06 -16.55
CA VAL B 500 10.31 12.43 -17.92
C VAL B 500 11.37 13.50 -17.92
N VAL B 501 12.18 13.53 -18.98
CA VAL B 501 13.29 14.46 -19.16
C VAL B 501 13.19 15.02 -20.59
N PRO B 502 13.21 16.34 -20.73
CA PRO B 502 13.26 16.94 -22.08
C PRO B 502 14.58 16.53 -22.75
N VAL B 503 14.55 16.04 -23.98
CA VAL B 503 15.81 15.67 -24.62
C VAL B 503 16.06 16.29 -25.99
N THR B 504 15.01 16.80 -26.64
CA THR B 504 15.18 17.39 -27.95
C THR B 504 14.00 18.33 -28.25
N THR B 505 14.00 18.94 -29.42
CA THR B 505 12.87 19.77 -29.84
C THR B 505 12.52 19.40 -31.26
N VAL B 506 11.25 19.57 -31.58
CA VAL B 506 10.69 19.15 -32.86
C VAL B 506 11.38 19.93 -33.99
N THR B 507 11.88 19.23 -35.00
CA THR B 507 12.39 19.91 -36.20
C THR B 507 11.30 19.98 -37.28
N ALA B 508 11.49 20.86 -38.26
CA ALA B 508 10.62 20.93 -39.42
C ALA B 508 10.55 19.55 -40.08
N GLU B 509 11.67 18.85 -40.14
CA GLU B 509 11.71 17.49 -40.66
C GLU B 509 10.75 16.53 -39.90
N ASP B 510 10.82 16.54 -38.56
CA ASP B 510 9.95 15.71 -37.73
C ASP B 510 8.50 16.11 -38.02
N ASP B 511 8.28 17.41 -38.11
CA ASP B 511 6.93 17.95 -38.22
C ASP B 511 6.27 17.60 -39.56
N ALA B 512 7.03 17.70 -40.66
CA ALA B 512 6.50 17.38 -41.98
C ALA B 512 6.15 15.90 -42.06
N GLN B 513 6.90 15.09 -41.32
CA GLN B 513 6.66 13.64 -41.30
C GLN B 513 5.36 13.28 -40.60
N MET B 514 4.78 14.23 -39.87
CA MET B 514 3.45 13.98 -39.34
C MET B 514 2.44 13.68 -40.45
N GLU B 515 2.69 14.14 -41.68
CA GLU B 515 1.75 13.89 -42.76
C GLU B 515 1.68 12.40 -43.15
N LEU B 516 2.65 11.61 -42.71
CA LEU B 516 2.66 10.18 -43.03
C LEU B 516 2.20 9.33 -41.84
N TYR B 517 1.86 9.98 -40.76
CA TYR B 517 1.41 9.32 -39.55
C TYR B 517 0.00 8.77 -39.75
N LYS B 518 -0.21 7.47 -39.49
CA LYS B 518 -1.54 6.91 -39.69
C LYS B 518 -2.17 6.42 -38.37
N GLY B 519 -1.36 6.21 -37.36
CA GLY B 519 -1.84 5.53 -36.15
C GLY B 519 -1.91 4.03 -36.44
N TYR B 520 -1.98 3.20 -35.40
CA TYR B 520 -2.10 1.77 -35.59
C TYR B 520 -3.55 1.36 -35.83
N PHE B 521 -4.50 2.21 -35.46
CA PHE B 521 -5.92 1.82 -35.52
C PHE B 521 -6.77 2.55 -36.56
N GLY B 522 -6.38 3.75 -36.95
CA GLY B 522 -7.18 4.54 -37.85
C GLY B 522 -8.51 5.00 -37.27
N ASP B 523 -8.74 4.81 -35.97
CA ASP B 523 -9.97 5.28 -35.34
C ASP B 523 -9.88 6.79 -35.02
N ILE B 524 -10.96 7.37 -34.51
CA ILE B 524 -11.03 8.83 -34.29
C ILE B 524 -9.87 9.37 -33.45
N TRP B 525 -9.42 8.59 -32.46
CA TRP B 525 -8.30 8.98 -31.62
C TRP B 525 -7.00 9.17 -32.43
N ASP B 526 -6.76 8.28 -33.38
CA ASP B 526 -5.57 8.34 -34.21
C ASP B 526 -5.63 9.56 -35.14
N ILE B 527 -6.83 9.81 -35.67
CA ILE B 527 -7.10 10.93 -36.55
C ILE B 527 -6.91 12.26 -35.82
N ILE B 528 -7.47 12.39 -34.62
CA ILE B 528 -7.34 13.61 -33.82
C ILE B 528 -5.86 13.88 -33.50
N LEU B 529 -5.18 12.82 -33.05
CA LEU B 529 -3.79 12.90 -32.61
C LEU B 529 -2.86 13.35 -33.76
N LYS B 530 -3.04 12.78 -34.95
CA LYS B 530 -2.27 13.18 -36.13
C LYS B 530 -2.34 14.68 -36.38
N LYS B 531 -3.54 15.22 -36.37
CA LYS B 531 -3.70 16.65 -36.61
C LYS B 531 -3.14 17.49 -35.46
N ALA B 532 -3.41 17.04 -34.24
CA ALA B 532 -3.13 17.82 -33.04
C ALA B 532 -1.63 17.96 -32.80
N MET B 533 -0.85 16.98 -33.27
CA MET B 533 0.59 17.03 -33.08
C MET B 533 1.35 17.78 -34.18
N LYS B 534 0.65 18.18 -35.24
CA LYS B 534 1.23 18.98 -36.30
C LYS B 534 1.48 20.39 -35.83
N ASN B 535 2.15 21.17 -36.69
CA ASN B 535 2.50 22.55 -36.42
C ASN B 535 3.20 22.67 -35.06
N SER B 536 4.17 21.81 -34.81
CA SER B 536 4.85 21.83 -33.52
C SER B 536 6.35 22.15 -33.60
N VAL B 537 6.81 22.71 -34.72
CA VAL B 537 8.25 22.97 -34.87
C VAL B 537 8.80 23.78 -33.68
N GLY B 538 9.92 23.35 -33.12
CA GLY B 538 10.48 24.06 -31.99
C GLY B 538 9.98 23.65 -30.60
N LEU B 539 8.89 22.88 -30.51
CA LEU B 539 8.39 22.42 -29.21
C LEU B 539 9.24 21.30 -28.55
N PRO B 540 9.29 21.28 -27.21
CA PRO B 540 10.10 20.26 -26.51
C PRO B 540 9.51 18.86 -26.61
N VAL B 541 10.40 17.88 -26.58
CA VAL B 541 10.02 16.49 -26.68
C VAL B 541 10.83 15.73 -25.67
N ALA B 542 10.20 14.80 -24.95
CA ALA B 542 10.81 14.09 -23.83
C ALA B 542 10.92 12.56 -24.08
N VAL B 543 11.63 11.88 -23.18
CA VAL B 543 11.57 10.42 -23.06
C VAL B 543 11.11 10.13 -21.63
N GLN B 544 10.66 8.91 -21.38
CA GLN B 544 10.19 8.53 -20.06
C GLN B 544 11.19 7.55 -19.43
N CYS B 545 11.41 7.69 -18.13
CA CYS B 545 12.36 6.85 -17.42
C CYS B 545 11.63 6.11 -16.30
N VAL B 546 11.81 4.80 -16.22
CA VAL B 546 10.98 4.00 -15.32
C VAL B 546 11.89 3.10 -14.49
N ALA B 547 11.52 2.88 -13.23
CA ALA B 547 12.20 1.89 -12.40
C ALA B 547 11.14 1.09 -11.62
N LEU B 548 11.58 0.13 -10.82
CA LEU B 548 10.66 -0.72 -10.06
C LEU B 548 10.04 0.01 -8.87
N PRO B 549 8.93 -0.54 -8.35
CA PRO B 549 8.34 0.13 -7.18
C PRO B 549 9.35 0.42 -6.09
N TRP B 550 9.23 1.64 -5.53
CA TRP B 550 10.07 2.15 -4.44
C TRP B 550 11.51 2.51 -4.87
N GLN B 551 11.78 2.50 -6.17
CA GLN B 551 13.13 2.79 -6.65
C GLN B 551 13.25 4.22 -7.28
N GLU B 552 12.69 5.20 -6.57
CA GLU B 552 12.68 6.59 -7.06
C GLU B 552 14.10 7.10 -7.25
N GLU B 553 15.02 6.68 -6.37
CA GLU B 553 16.38 7.17 -6.43
C GLU B 553 17.10 6.63 -7.66
N LEU B 554 16.82 5.36 -7.99
CA LEU B 554 17.44 4.73 -9.16
C LEU B 554 16.84 5.35 -10.43
N CYS B 555 15.53 5.58 -10.38
CA CYS B 555 14.85 6.25 -11.48
C CYS B 555 15.48 7.64 -11.68
N LEU B 556 15.64 8.37 -10.59
CA LEU B 556 16.26 9.70 -10.71
C LEU B 556 17.72 9.60 -11.18
N ARG B 557 18.42 8.55 -10.78
CA ARG B 557 19.81 8.36 -11.21
C ARG B 557 19.87 8.23 -12.74
N PHE B 558 18.88 7.55 -13.28
CA PHE B 558 18.78 7.31 -14.71
C PHE B 558 18.36 8.60 -15.41
N MET B 559 17.36 9.28 -14.85
CA MET B 559 16.91 10.57 -15.40
C MET B 559 18.10 11.55 -15.48
N ARG B 560 18.91 11.58 -14.43
CA ARG B 560 20.09 12.42 -14.37
C ARG B 560 21.03 12.05 -15.50
N GLU B 561 21.16 10.75 -15.75
CA GLU B 561 22.01 10.26 -16.82
C GLU B 561 21.53 10.75 -18.22
N VAL B 562 20.26 10.50 -18.52
CA VAL B 562 19.66 11.03 -19.74
C VAL B 562 19.87 12.54 -19.88
N GLU B 563 19.52 13.28 -18.84
CA GLU B 563 19.65 14.73 -18.92
C GLU B 563 21.10 15.12 -19.25
N GLN B 564 22.05 14.51 -18.57
CA GLN B 564 23.44 14.80 -18.81
C GLN B 564 23.88 14.44 -20.23
N LEU B 565 23.41 13.33 -20.79
CA LEU B 565 23.89 12.91 -22.11
C LEU B 565 23.23 13.66 -23.29
N MET B 566 22.01 14.15 -23.10
CA MET B 566 21.25 14.75 -24.20
C MET B 566 21.28 16.28 -24.10
N THR B 567 21.41 16.80 -22.89
CA THR B 567 21.35 18.24 -22.65
C THR B 567 22.41 18.57 -21.59
N PRO B 568 23.68 18.44 -21.96
CA PRO B 568 24.81 18.59 -21.02
C PRO B 568 24.76 19.91 -20.24
N GLN B 569 24.24 20.96 -20.88
CA GLN B 569 24.13 22.31 -20.31
C GLN B 569 23.35 22.41 -18.99
N LYS B 570 22.52 21.41 -18.69
CA LYS B 570 21.69 21.37 -17.48
C LYS B 570 22.49 21.02 -16.22
N GLN B 571 23.71 20.49 -16.41
CA GLN B 571 24.57 20.06 -15.31
C GLN B 571 25.98 20.68 -15.47
#